data_1EI3
#
_entry.id   1EI3
#
_cell.length_a   114.726
_cell.length_b   101.849
_cell.length_c   210.232
_cell.angle_alpha   90.0
_cell.angle_beta   106.710
_cell.angle_gamma   90.0
#
_symmetry.space_group_name_H-M   'P 1 21 1'
#
loop_
_entity.id
_entity.type
_entity.pdbx_description
1 polymer FIBRINOGEN
2 polymer FIBRINOGEN
3 polymer FIBRINOGEN
#
loop_
_entity_poly.entity_id
_entity_poly.type
_entity_poly.pdbx_seq_one_letter_code
_entity_poly.pdbx_strand_id
1 'polypeptide(L)'
;QDGKTTFEKEGGGGRGPRILENMHESSCKYEKNWPICVDDDWGTKCPSCCRMQGIIDDTDQNYSQRIDNIRQQLADSQNK
YKTSNRVIVETINILKPGLEGAQQLDENYGHVSTELRRRIVTLKQRVATQVNRIKALQNSIQEQVVEMKRLEVDIDIKIR
ACKGSCARSFDYQVDKEGYDNIQKHLTQASSIDMHPDFQTTTLSTLKMRPLKDSNVPEHFKLKPSPEMQAMSAFNNIKQM
QVVLERPETDHVAEARGDSSPSHTGKLITSSHRRESPSLVDKTSSASSVHRCTRTVTKKVISGPDGPREEIVEKMVSSDG
SDCSHLQGGREGSTYHFSGTGDFHKLDRLLPDLESFFTHDSVSTSSRHSIGSSTSSHVTGAGSSHLGTGGKDKFTDLGEE
EEDDFGGLQPSGFAAGSASHSKTVLTSSSSSFNKGGSTFETKSLKTRETSEQLGGVQHDQSAEDTPDFKARSFRPAAMST
RRSYNGKGTQK
;
A,D
2 'polypeptide(L)'
;QASVEYDNEEDSPQIDARAHRPLDKRQEAAPTLRPVAPPISGTGYQPRPPKQDKQAMKKGPIIYPDAGGCKHPLDELGVL
CPTGCELQTTLLKQEKTVKPVLRDLKDRVAKFSDTSTTMYQYVNMIDNKLVKTQKQRKDNDIILSEYNTEMELHYNYIKD
NLDNNIPSSLRVLRAVIDSLHKKIQKLENAIATQTDYCRSPCVASCNIPVVSGRECEDIYRKGGETSEMYIIQPDPFTTP
YRVYCDMETDNGGWTLIQNRQDGSVNFGRAWDEYKRGFGNIAKSGGKKYCDTPGEYWLGNDKISQLTKIGPTKVLIEMED
WNGDKVSALYGGFTIHNEGNKYQLSVSNYKGNAGNALMEGASQLYGENRTMTIHNGMYFSTYDRDNDGWLTTDPRKQCSK
EDGGGWWYNRCHAANPNGRYYWGGTYSWDMAKHGTDDGIVWMNWKGSWYSMKKMSMKIKPYFPD
;
B,E
3 'polypeptide(L)'
;YIATRENCCILDERFGSYCPTTCGIADFFNKYRLTTDGELLEIEGLLQQATNSTGSIEYLIQHIKTIYPSEKQTLPQSIE
QLTQKSKKIIEEIIRYENTILAHENTIQQLTDMHIMNSNKITQLKQKIAQLESHCQEPCKDTAEIQETTGRDCQDIANKG
ARKSGLYFIKPQKAKQSFLVYCEIDTYGNGWTVLQRRLDGSEDFRRNWVQYKEGFGHLSPDDTTEFWLGNEKIHLITTQS
TLPYALRIELEDWSGKKGTADYAVFKVGTEEDKYRLTYAYFIGGERGDAFDGFNFGDDPSDKSYTYHNGMRFSTFDNDND
NFEGNCAEQDGSGWWMNRCHAGHLNGPYYIGGVYSRDTGTNSYDNGIIWATWRDRWYSMKKTTMKIIPFNRLSIDGQQHS
GGLKQVGDS
;
C,F
#
# COMPACT_ATOMS: atom_id res chain seq x y z
CA PRO A 35 7.59 -7.00 14.29
CA ILE A 36 6.55 -9.59 11.71
CA CYS A 37 7.84 -10.67 8.24
CA VAL A 38 8.32 -7.99 5.63
CA ASP A 39 4.87 -7.31 4.30
CA ASP A 40 5.66 -5.96 0.77
CA ASP A 41 8.38 -4.19 -1.10
CA TRP A 42 7.78 -0.99 -3.11
CA GLY A 43 10.34 0.23 -5.42
CA THR A 44 8.58 3.59 -5.48
CA LYS A 45 5.86 4.71 -3.06
CA CYS A 46 3.60 7.70 -4.42
CA PRO A 47 2.16 8.76 -1.39
CA SER A 48 -1.57 9.33 -1.83
CA CYS A 49 -2.85 7.86 1.36
CA CYS A 50 -2.80 11.07 3.50
CA ARG A 51 -0.41 9.68 6.40
CA MET A 52 2.88 11.53 4.81
CA GLN A 53 1.13 14.74 4.56
CA GLY A 54 0.50 14.91 8.43
CA ILE A 55 4.16 14.27 9.37
CA ILE A 56 5.39 17.28 6.93
CA ASP A 57 3.05 19.34 8.84
CA ASP A 58 4.77 18.48 12.27
CA THR A 59 8.30 19.41 11.04
CA ASP A 60 7.17 22.65 9.48
CA GLN A 61 5.90 23.26 13.12
CA ASN A 62 9.48 23.12 14.81
CA TYR A 63 11.03 25.45 12.24
CA SER A 64 8.37 27.90 12.61
CA GLN A 65 8.75 27.83 16.55
CA ARG A 66 12.66 28.17 16.42
CA ILE A 67 12.49 31.33 14.40
CA ASP A 68 10.33 32.86 17.14
CA ASN A 69 12.97 32.00 19.79
CA ILE A 70 15.71 33.55 17.60
CA ARG A 71 13.72 36.76 17.06
CA GLN A 72 13.05 37.02 20.81
CA GLN A 73 16.75 36.79 21.52
CA LEU A 74 17.72 39.32 18.83
CA ALA A 75 15.15 41.75 20.25
CA ASP A 76 16.73 41.32 23.68
CA SER A 77 20.50 41.44 22.67
CA GLN A 78 19.55 44.19 20.19
CA ASN A 79 18.52 46.38 23.19
CA LYS A 80 21.48 45.79 25.52
CA TYR A 81 23.78 46.10 22.53
CA LYS A 82 22.08 49.38 21.56
CA THR A 83 22.54 50.73 25.12
CA SER A 84 26.23 49.72 25.08
CA ASN A 85 26.84 51.40 21.70
CA ARG A 86 25.12 54.58 22.94
CA VAL A 87 27.41 54.70 25.93
CA ILE A 88 30.58 54.02 23.90
CA VAL A 89 29.60 56.83 21.52
CA GLU A 90 29.50 58.83 24.62
CA THR A 91 32.71 57.29 26.00
CA ILE A 92 34.49 57.70 22.59
CA ASN A 93 33.40 61.34 22.31
CA ILE A 94 34.58 61.89 25.95
CA LEU A 95 38.00 60.34 25.13
CA LYS A 96 38.48 62.62 22.14
CA PRO A 97 38.13 65.66 24.54
CA GLY A 98 40.78 64.20 26.84
CA LEU A 99 43.30 63.22 24.12
CA GLU A 100 42.86 66.51 22.23
CA GLY A 101 43.77 68.54 25.40
CA ALA A 102 46.68 66.15 26.20
CA GLN A 103 48.07 66.52 22.64
CA GLN A 104 47.91 70.32 22.79
CA LEU A 105 50.00 70.15 26.02
CA ASP A 106 52.57 67.69 24.63
CA GLU A 107 53.25 69.76 21.49
CA ASN A 108 54.12 72.36 23.38
CA TYR A 109 56.98 70.34 24.94
CA GLY A 110 57.82 68.79 21.54
CA HIS A 111 58.49 72.10 20.21
CA VAL A 112 60.20 73.49 23.32
CA SER A 113 62.68 70.60 23.59
CA THR A 114 64.07 71.42 19.88
CA GLU A 115 64.11 75.19 20.66
CA LEU A 116 65.99 74.64 23.95
CA ARG A 117 68.33 72.25 22.03
CA ARG A 118 69.37 75.03 19.55
CA ARG A 119 69.89 77.46 22.49
CA ILE A 120 72.04 74.88 24.33
CA VAL A 121 74.32 74.43 21.24
CA THR A 122 74.96 78.18 21.09
CA LEU A 123 75.41 78.38 24.84
CA LYS A 124 78.15 75.68 24.80
CA GLN A 125 80.22 77.48 22.71
CA ARG A 126 80.26 80.67 24.91
CA VAL A 127 81.18 78.62 27.96
CA ALA A 128 83.91 76.49 26.30
CA THR A 129 85.43 79.49 24.49
CA GLN A 130 85.90 81.38 27.84
CA VAL A 131 87.22 78.19 29.56
CA ASN A 132 89.77 77.63 26.74
CA ARG A 133 91.41 81.24 27.45
CA ILE A 134 91.95 80.43 31.03
CA LYS A 135 93.40 77.18 30.02
CA ALA A 136 96.11 78.61 27.41
CA LEU A 137 97.07 81.63 29.73
CA GLN A 138 98.14 79.31 32.47
CA ASN A 139 100.33 77.45 29.89
CA SER A 140 102.64 80.47 28.87
CA ILE A 141 102.59 81.67 32.26
CA GLN A 142 104.52 78.77 33.90
CA GLU A 143 107.07 79.01 31.03
CA GLN A 144 107.47 82.78 31.52
CA VAL A 145 107.73 82.12 35.29
CA VAL A 146 110.79 79.79 34.84
CA GLU A 147 112.39 82.39 32.47
CA MET A 148 111.79 85.18 35.04
CA LYS A 149 113.55 83.15 37.82
CA ARG A 150 116.64 82.73 35.63
CA LEU A 151 116.51 86.35 34.53
CA GLU A 152 116.53 87.62 38.17
CA VAL A 153 119.50 85.45 38.87
CA ASP A 154 121.33 86.39 35.68
CA ILE A 155 120.79 90.10 36.44
CA ASP A 156 122.10 89.63 40.02
CA ILE A 157 125.12 88.02 38.56
CA LYS A 158 125.65 90.56 35.63
CA ILE A 159 125.14 93.69 37.84
CA ARG A 160 127.62 92.28 40.41
CA ALA A 161 130.04 91.60 37.56
CA CYS A 162 130.15 95.39 36.89
CA LYS A 163 131.70 96.05 40.34
CA GLY A 164 135.12 95.34 38.77
CA SER A 165 134.78 97.88 35.90
CA CYS A 166 132.32 100.67 36.89
CA ALA A 167 132.42 103.38 39.59
CA ARG A 168 129.82 101.43 41.64
CA SER A 169 127.30 98.59 41.44
CA PHE A 170 123.61 98.75 42.53
CA ASP A 171 122.98 97.22 46.02
CA TYR A 172 120.15 94.73 45.62
CA GLN A 173 118.69 91.67 47.37
CA VAL A 174 117.31 88.61 45.64
CA ASP A 175 115.17 85.89 47.28
CA LYS A 176 113.65 83.18 45.19
CA GLU A 177 110.96 82.65 47.87
CA GLY A 178 108.20 84.68 46.27
CA TYR A 179 109.04 82.62 43.15
CA ASP A 180 109.00 79.41 45.16
CA ASN A 181 105.71 80.19 46.88
CA ILE A 182 104.19 80.88 43.49
CA GLN A 183 105.62 77.73 41.87
CA LYS A 184 104.04 75.80 44.76
CA HIS A 185 101.11 78.12 44.10
CA LEU A 186 101.13 77.50 40.35
CA THR A 187 102.48 73.96 40.88
CA GLN A 188 99.20 72.67 42.38
CA ALA A 189 96.57 74.38 40.74
CA SER A 190 95.29 72.41 37.71
CA SER A 191 95.09 68.73 38.58
CA ILE A 192 91.36 68.58 38.16
CA ASP A 193 91.26 70.35 35.35
CA GLY B 68 -10.54 -13.86 31.45
CA GLY B 69 -12.01 -10.37 31.12
CA CYS B 70 -11.30 -7.21 29.24
CA LYS B 71 -11.49 -3.63 30.45
CA HIS B 72 -12.67 -0.58 28.42
CA PRO B 73 -9.92 1.77 27.69
CA LEU B 74 -10.61 4.04 24.67
CA ASP B 75 -8.88 3.93 21.25
CA GLU B 76 -7.65 7.51 20.18
CA LEU B 77 -8.31 9.09 16.77
CA GLY B 78 -5.50 7.73 14.22
CA VAL B 79 -7.33 8.92 11.11
CA LEU B 80 -5.45 9.26 7.89
CA CYS B 81 -4.92 12.76 6.71
CA PRO B 82 -7.68 12.35 3.97
CA THR B 83 -8.43 15.90 3.17
CA GLY B 84 -5.72 16.12 0.52
CA CYS B 85 -6.79 19.61 -0.57
CA GLU B 86 -7.68 20.84 2.95
CA LEU B 87 -6.46 21.05 5.65
CA GLN B 88 -3.05 20.07 4.20
CA THR B 89 -3.57 22.47 1.27
CA THR B 90 -4.87 25.50 3.62
CA LEU B 91 -2.18 24.78 6.17
CA LEU B 92 0.64 24.36 3.65
CA LYS B 93 -0.45 27.60 1.86
CA GLN B 94 -0.59 29.72 5.09
CA GLU B 95 2.57 28.31 6.74
CA LYS B 96 4.35 28.44 3.38
CA THR B 97 3.20 32.02 2.74
CA VAL B 98 4.16 33.41 6.16
CA LYS B 99 7.49 31.54 6.24
CA PRO B 100 8.29 33.13 2.85
CA VAL B 101 7.12 36.65 3.92
CA LEU B 102 8.80 36.72 7.36
CA ARG B 103 11.79 34.93 5.80
CA ASP B 104 12.29 38.00 3.51
CA LEU B 105 11.70 40.58 6.27
CA LYS B 106 14.15 38.88 8.64
CA ASP B 107 16.83 38.86 5.91
CA ARG B 108 16.54 42.67 5.63
CA VAL B 109 15.40 43.47 8.04
CA ALA B 110 18.09 41.21 9.66
CA LYS B 111 20.40 41.83 6.64
CA PHE B 112 20.08 45.61 7.13
CA SER B 113 20.72 45.38 10.89
CA ASP B 114 23.74 43.09 10.38
CA THR B 115 25.09 45.64 7.85
CA SER B 116 24.84 48.41 10.45
CA THR B 117 26.51 46.20 13.11
CA THR B 118 29.35 45.12 10.85
CA MET B 119 29.49 48.20 9.95
CA TYR B 120 29.24 49.25 13.60
CA GLN B 121 31.68 46.40 14.47
CA TYR B 122 34.11 47.44 11.80
CA VAL B 123 34.05 51.07 12.99
CA ASN B 124 34.53 49.94 16.57
CA MET B 125 37.63 47.93 15.51
CA ILE B 126 39.00 51.08 13.78
CA ASP B 127 38.36 53.08 17.02
CA ASN B 128 39.83 50.48 19.32
CA LYS B 129 43.06 50.15 17.33
CA LEU B 130 43.13 53.67 16.58
CA VAL B 131 43.15 54.25 20.36
CA LYS B 132 45.57 51.32 21.04
CA THR B 133 47.98 52.85 18.48
CA GLN B 134 47.55 56.29 20.10
CA LYS B 135 48.64 54.79 23.46
CA GLN B 136 51.78 53.38 21.73
CA ARG B 137 52.48 56.88 20.27
CA LYS B 138 51.83 58.73 23.49
CA ASP B 139 53.60 56.37 25.46
CA ASN B 140 57.10 56.42 23.48
CA ASP B 141 57.10 60.34 23.13
CA ILE B 142 57.02 60.76 26.85
CA ILE B 143 60.04 58.35 27.08
CA LEU B 144 62.57 60.46 24.92
CA SER B 145 61.37 63.79 26.37
CA GLU B 146 62.40 62.65 29.69
CA TYR B 147 66.02 61.73 28.48
CA ASN B 148 66.64 65.16 26.85
CA THR B 149 65.33 67.09 29.82
CA GLU B 150 67.62 65.33 32.18
CA MET B 151 70.77 66.71 30.20
CA GLU B 152 69.43 70.27 30.13
CA LEU B 153 68.76 70.27 33.70
CA HIS B 154 72.39 68.91 34.48
CA TYR B 155 74.12 71.53 32.12
CA ASN B 156 72.37 74.35 33.77
CA TYR B 157 73.81 72.97 36.95
CA ILE B 158 77.49 73.02 35.47
CA LYS B 159 77.32 76.62 34.15
CA ASP B 160 76.66 77.88 37.57
CA ASN B 161 79.18 75.73 39.46
CA LEU B 162 81.74 76.34 36.73
CA ASP B 163 81.48 80.06 37.57
CA ASN B 164 82.82 79.04 41.01
CA ASN B 165 85.75 77.28 39.29
CA ILE B 166 86.58 80.35 37.13
CA PRO B 167 87.00 82.53 39.69
CA SER B 168 89.66 80.20 41.15
CA SER B 169 91.37 79.97 37.71
CA LEU B 170 91.27 83.78 37.25
CA ARG B 171 92.85 84.27 40.74
CA VAL B 172 95.42 82.43 40.74
CA LEU B 173 96.67 83.40 37.27
CA ARG B 174 95.86 87.09 37.74
CA ALA B 175 97.95 86.98 40.96
CA VAL B 176 100.84 85.02 39.32
CA ILE B 177 101.05 87.04 36.07
CA ASP B 178 100.38 90.18 38.14
CA SER B 179 103.68 89.52 40.02
CA LEU B 180 105.70 88.58 36.90
CA HIS B 181 104.57 91.77 35.32
CA LYS B 182 105.70 94.03 38.25
CA LYS B 183 108.95 92.11 38.82
CA ILE B 184 109.90 92.63 35.10
CA GLN B 185 109.37 96.39 35.31
CA LYS B 186 111.61 96.66 38.46
CA LEU B 187 114.36 94.53 36.80
CA GLU B 188 114.35 96.96 33.83
CA ASN B 189 114.74 99.83 36.30
CA ALA B 190 117.72 97.97 37.88
CA ILE B 191 119.55 97.35 34.52
CA ALA B 192 118.97 100.99 33.49
CA THR B 193 120.38 102.37 36.83
CA GLN B 194 123.56 100.18 36.56
CA THR B 195 124.06 101.45 32.94
CA ASP B 196 124.22 105.03 34.38
CA TYR B 197 126.82 103.95 36.98
CA CYS B 198 128.81 102.38 34.16
CA ARG B 199 129.38 105.83 32.59
CA SER B 200 132.30 106.26 35.07
CA PRO B 201 135.12 103.74 35.73
CA CYS B 202 136.57 102.23 38.91
CA VAL B 203 140.22 103.25 39.56
CA ALA B 204 143.26 101.95 41.43
CA SER B 205 146.75 103.35 42.14
CA CYS B 206 149.19 100.37 42.27
CA ASN B 207 152.68 101.56 43.25
CA ILE B 208 155.26 99.02 42.02
CA PRO B 209 157.45 96.96 44.30
CA VAL B 210 161.14 97.58 43.70
CA VAL B 211 161.92 93.88 43.53
CA SER B 212 161.35 92.06 40.25
CA GLY B 213 162.30 88.87 38.36
CA ARG B 214 161.20 86.23 35.83
CA GLU B 215 158.28 85.00 37.93
CA CYS B 216 157.02 84.92 41.56
CA GLU B 217 159.49 82.13 42.59
CA ASP B 218 162.52 84.17 41.60
CA ILE B 219 160.99 87.12 43.53
CA TYR B 220 160.47 85.29 46.87
CA ARG B 221 164.13 84.10 46.53
CA LYS B 222 165.00 87.75 46.01
CA GLY B 223 163.48 88.66 49.36
CA GLY B 224 159.92 89.53 48.16
CA GLU B 225 158.12 88.07 51.19
CA THR B 226 154.73 89.83 51.12
CA SER B 227 151.78 88.81 48.90
CA GLU B 228 150.81 91.64 46.57
CA MET B 229 151.11 92.73 42.91
CA TYR B 230 154.58 92.44 41.31
CA ILE B 231 156.00 93.22 37.86
CA ILE B 232 157.58 90.13 36.18
CA GLN B 233 159.51 89.68 32.92
CA PRO B 234 159.50 85.95 32.13
CA ASP B 235 161.22 86.74 28.85
CA PRO B 236 163.72 89.32 27.60
CA PHE B 237 161.68 89.42 24.39
CA THR B 238 158.43 90.09 26.26
CA THR B 239 157.54 93.36 27.95
CA PRO B 240 157.20 93.18 31.76
CA TYR B 241 153.65 92.74 33.04
CA ARG B 242 151.67 92.77 36.27
CA VAL B 243 150.77 89.67 38.32
CA TYR B 244 149.56 88.82 41.84
CA CYS B 245 152.28 86.84 43.75
CA ASP B 246 151.06 84.62 46.61
CA MET B 247 154.06 84.45 49.01
CA GLU B 248 152.31 82.63 51.97
CA THR B 249 150.49 79.41 50.86
CA ASP B 250 152.56 76.23 50.42
CA ASN B 251 155.94 77.91 50.83
CA GLY B 252 155.13 80.92 48.61
CA GLY B 253 156.51 81.92 45.20
CA TRP B 254 153.16 81.14 43.43
CA THR B 255 152.25 83.19 40.23
CA LEU B 256 148.42 83.59 40.21
CA ILE B 257 146.86 82.77 36.84
CA GLN B 258 143.22 82.91 37.93
CA ASN B 259 141.22 84.26 40.87
CA ARG B 260 137.52 84.18 41.93
CA GLN B 261 136.43 85.63 45.40
CA ASP B 262 133.51 88.02 44.88
CA GLY B 263 131.68 88.03 41.55
CA SER B 264 133.14 91.35 40.52
CA VAL B 265 134.30 90.28 37.00
CA ASN B 266 132.58 88.73 34.03
CA PHE B 267 134.18 85.39 32.94
CA GLY B 268 131.73 84.61 29.98
CA ARG B 269 134.11 86.08 27.30
CA ALA B 270 135.16 85.23 23.73
CA TRP B 271 138.43 83.86 22.37
CA ASP B 272 140.50 87.07 22.13
CA GLU B 273 139.82 88.30 25.67
CA TYR B 274 140.76 84.79 27.05
CA LYS B 275 144.03 84.99 25.03
CA ARG B 276 145.10 88.49 26.12
CA GLY B 277 143.73 88.28 29.70
CA PHE B 278 141.01 90.31 31.48
CA GLY B 279 140.11 91.69 34.96
CA ASN B 280 142.07 94.14 37.27
CA ILE B 281 143.31 93.38 40.83
CA ALA B 282 143.35 96.64 42.85
CA LYS B 283 141.25 98.30 45.60
CA SER B 284 141.83 101.40 47.96
CA GLY B 285 142.08 101.10 51.67
CA GLY B 286 144.62 103.46 53.23
CA LYS B 287 147.82 102.16 51.55
CA LYS B 288 149.63 103.27 48.41
CA TYR B 289 150.18 99.66 47.17
CA CYS B 290 147.86 96.82 46.00
CA ASP B 291 148.03 93.95 48.47
CA THR B 292 144.60 92.47 47.74
CA PRO B 293 144.05 90.30 44.64
CA GLY B 294 141.15 91.24 42.35
CA GLU B 295 139.26 88.75 40.12
CA TYR B 296 141.18 87.86 36.94
CA TRP B 297 142.37 85.59 34.11
CA LEU B 298 146.06 86.08 33.14
CA GLY B 299 145.93 85.56 29.33
CA ASN B 300 146.30 82.12 27.56
CA ASP B 301 149.43 83.39 25.75
CA LYS B 302 151.02 84.50 28.98
CA ILE B 303 150.22 81.22 30.74
CA SER B 304 151.41 78.99 27.92
CA GLN B 305 154.71 80.84 27.77
CA LEU B 306 155.14 80.58 31.58
CA THR B 307 154.60 76.82 31.52
CA LYS B 308 156.85 76.40 28.48
CA ILE B 309 159.95 77.89 30.09
CA GLY B 310 160.47 74.67 32.18
CA PRO B 311 158.74 72.04 34.33
CA THR B 312 156.03 73.79 36.32
CA LYS B 313 153.65 72.81 39.10
CA VAL B 314 149.97 73.93 39.41
CA LEU B 315 148.06 74.63 42.68
CA ILE B 316 144.29 75.07 42.81
CA GLU B 317 142.69 76.23 46.09
CA MET B 318 139.06 76.66 47.02
CA GLU B 319 136.74 77.66 49.80
CA ASP B 320 133.01 77.10 50.39
CA TRP B 321 130.43 79.47 51.92
CA ASN B 322 131.02 78.40 55.56
CA GLY B 323 134.82 78.68 55.36
CA ASP B 324 136.02 75.06 54.75
CA LYS B 325 139.01 74.86 52.31
CA VAL B 326 140.59 72.12 50.14
CA SER B 327 143.41 71.93 47.59
CA ALA B 328 144.49 70.20 44.36
CA LEU B 329 148.14 70.03 43.41
CA TYR B 330 149.59 68.94 40.05
CA GLY B 331 153.37 68.37 40.07
CA GLY B 332 153.27 68.82 36.21
CA PHE B 333 151.28 71.30 34.07
CA THR B 334 151.81 72.62 30.50
CA ILE B 335 149.62 74.68 28.26
CA HIS B 336 150.57 74.57 24.50
CA ASN B 337 150.44 77.54 22.06
CA GLU B 338 147.45 79.08 20.34
CA GLY B 339 148.11 77.11 17.12
CA ASN B 340 147.77 74.01 19.30
CA LYS B 341 144.59 75.44 20.81
CA TYR B 342 146.12 75.84 24.36
CA GLN B 343 146.02 72.12 24.74
CA LEU B 344 146.37 71.20 28.47
CA SER B 345 148.48 68.45 30.09
CA VAL B 346 148.61 67.72 33.90
CA SER B 347 150.01 64.97 36.21
CA ASN B 348 151.24 63.92 39.67
CA TYR B 349 148.19 64.91 41.66
CA LYS B 350 148.05 65.24 45.49
CA GLY B 351 145.39 67.03 47.54
CA ASN B 352 142.13 67.02 49.49
CA ALA B 353 139.83 68.39 46.76
CA GLY B 354 139.66 65.16 44.71
CA ASN B 355 141.44 64.67 41.21
CA ALA B 356 138.82 66.26 38.91
CA LEU B 357 141.38 67.14 36.15
CA MET B 358 142.86 63.63 35.51
CA GLU B 359 140.03 61.30 36.64
CA GLY B 360 136.69 63.13 36.22
CA ALA B 361 133.71 63.22 38.54
CA SER B 362 133.91 60.44 41.17
CA GLN B 363 130.10 60.32 41.35
CA LEU B 364 129.78 59.00 37.74
CA TYR B 365 130.73 55.63 36.30
CA GLY B 366 132.22 54.32 33.07
CA GLU B 367 131.87 56.43 29.94
CA ASN B 368 130.01 59.10 31.96
CA ARG B 369 133.15 59.60 34.06
CA THR B 370 135.69 59.57 31.26
CA MET B 371 133.85 62.28 29.28
CA THR B 372 134.42 64.66 32.24
CA ILE B 373 138.23 64.38 32.29
CA HIS B 374 140.04 67.63 31.40
CA ASN B 375 143.55 66.48 30.70
CA GLY B 376 144.48 66.26 26.99
CA MET B 377 141.65 68.69 26.06
CA TYR B 378 141.74 71.88 24.04
CA PHE B 379 140.43 75.28 25.20
CA SER B 380 136.96 76.42 24.01
CA THR B 381 135.15 79.80 24.32
CA TYR B 382 131.54 80.49 23.28
CA ASP B 383 132.65 81.72 19.78
CA ARG B 384 135.26 78.92 19.36
CA ASP B 385 134.18 75.35 19.79
CA ASN B 386 137.08 72.97 20.33
CA ASP B 387 135.30 70.69 22.83
CA GLY B 388 135.02 66.91 23.12
CA TRP B 389 131.33 66.91 22.19
CA LEU B 390 130.65 66.09 18.47
CA THR B 391 127.19 67.59 17.81
CA THR B 392 125.35 69.37 15.00
CA ASP B 393 123.10 71.63 17.03
CA PRO B 394 124.97 74.94 17.38
CA ARG B 395 123.37 75.26 20.79
CA LYS B 396 125.10 72.05 21.90
CA GLN B 397 128.40 73.57 22.94
CA CYS B 398 129.91 73.10 26.42
CA SER B 399 131.15 76.70 26.39
CA LYS B 400 127.67 78.18 25.61
CA GLU B 401 126.17 76.09 28.41
CA ASP B 402 128.41 76.25 31.50
CA GLY B 403 129.43 79.85 30.81
CA GLY B 404 133.18 80.23 30.65
CA GLY B 405 136.31 79.57 28.66
CA TRP B 406 137.79 76.25 29.68
CA TRP B 407 139.32 72.97 28.66
CA TYR B 408 135.91 71.37 28.27
CA ASN B 409 135.30 67.71 27.39
CA ARG B 410 131.59 66.84 27.16
CA CYS B 411 131.68 68.91 29.38
CA HIS B 412 133.33 68.95 32.86
CA ALA B 413 134.15 67.77 36.41
CA ALA B 414 135.52 71.24 37.28
CA ASN B 415 134.26 74.65 36.04
CA PRO B 416 136.52 77.35 37.41
CA ASN B 417 135.54 80.26 35.07
CA GLY B 418 131.89 79.39 35.73
CA ARG B 419 129.13 81.74 36.93
CA TYR B 420 129.46 83.13 40.50
CA TYR B 421 126.22 82.25 42.37
CA TRP B 422 125.87 84.14 45.67
CA GLY B 423 125.47 81.88 48.78
CA GLY B 424 126.61 78.64 47.08
CA THR B 425 123.48 76.62 46.30
CA TYR B 426 121.76 76.76 42.92
CA SER B 427 119.40 74.62 40.86
CA TRP B 428 118.47 73.78 37.25
CA ASP B 429 115.72 76.40 37.25
CA MET B 430 118.22 79.13 38.28
CA ALA B 431 120.84 78.21 35.63
CA LYS B 432 120.55 79.94 32.20
CA HIS B 433 120.62 76.73 30.10
CA GLY B 434 119.46 74.31 32.82
CA THR B 435 123.00 72.90 33.34
CA ASP B 436 125.66 72.93 36.13
CA ASP B 437 127.36 76.21 35.33
CA GLY B 438 128.55 78.07 38.40
CA ILE B 439 132.03 77.72 40.02
CA VAL B 440 132.16 73.98 40.41
CA TRP B 441 134.52 71.24 41.67
CA MET B 442 132.36 68.10 41.37
CA ASN B 443 134.65 65.78 43.45
CA TRP B 444 134.39 68.05 46.52
CA LYS B 445 130.83 69.45 46.48
CA GLY B 446 128.98 67.98 43.48
CA SER B 447 127.42 69.84 40.56
CA TRP B 448 124.95 72.21 42.22
CA TYR B 449 127.28 74.12 44.58
CA SER B 450 129.34 77.12 43.49
CA MET B 451 132.47 78.11 45.40
CA LYS B 452 133.04 81.28 47.42
CA LYS B 453 136.71 81.21 46.53
CA MET B 454 138.61 79.52 43.75
CA SER B 455 142.20 80.24 42.51
CA MET B 456 144.87 78.77 40.24
CA LYS B 457 148.63 79.36 40.54
CA ILE B 458 151.93 78.07 39.26
CA LYS B 459 155.57 77.69 40.20
CA PRO B 460 158.80 76.54 38.54
CA TYR B 461 159.07 73.36 40.80
CA PHE B 462 162.75 72.55 41.29
CA TYR C 1 -7.93 1.70 -23.70
CA ILE C 2 -7.45 4.36 -26.11
CA ALA C 3 -5.73 7.25 -27.62
CA THR C 4 -7.34 10.70 -28.70
CA ARG C 5 -5.88 13.68 -30.44
CA GLU C 6 -7.28 16.57 -28.47
CA ASN C 7 -6.26 19.14 -25.84
CA CYS C 8 -7.52 22.32 -24.51
CA CYS C 9 -6.94 23.90 -21.03
CA ILE C 10 -4.71 26.95 -21.49
CA LEU C 11 -6.38 28.94 -18.74
CA ASP C 12 -6.57 25.78 -16.56
CA GLU C 13 -3.01 24.77 -17.54
CA ARG C 14 -1.97 28.31 -16.66
CA PHE C 15 -3.03 28.18 -12.99
CA GLY C 16 -2.11 25.62 -10.35
CA SER C 17 -3.78 22.10 -11.43
CA TYR C 18 -7.24 21.79 -9.72
CA CYS C 19 -6.24 18.60 -7.94
CA PRO C 20 -3.68 16.35 -7.50
CA THR C 21 -1.00 16.47 -10.16
CA THR C 22 2.53 15.13 -9.36
CA CYS C 23 4.89 14.91 -6.39
CA GLY C 24 7.78 17.33 -6.94
CA ILE C 25 5.83 20.14 -5.84
CA ALA C 26 5.82 18.40 -2.44
CA ASP C 27 9.61 17.92 -2.79
CA PHE C 28 9.87 21.69 -3.36
CA PHE C 29 8.16 22.15 -0.02
CA ASN C 30 10.29 19.47 1.61
CA LYS C 31 13.45 21.27 0.49
CA TYR C 32 12.21 23.88 1.73
CA ARG C 33 11.28 22.74 5.29
CA LEU C 34 15.01 21.77 5.29
CA THR C 35 16.02 25.28 4.26
CA THR C 36 13.97 26.62 7.24
CA ASP C 37 15.59 24.23 9.65
CA GLY C 38 19.09 25.19 8.45
CA GLU C 39 18.19 28.86 8.71
CA LEU C 40 17.09 28.33 12.35
CA LEU C 41 20.25 26.55 12.94
CA GLU C 42 21.94 29.52 11.22
CA ILE C 43 19.84 31.95 13.31
CA GLU C 44 20.95 30.08 16.44
CA GLY C 45 24.53 30.71 15.32
CA LEU C 46 23.78 34.37 14.54
CA LEU C 47 22.12 34.85 17.95
CA GLN C 48 25.00 33.22 19.80
CA GLN C 49 27.60 35.33 18.03
CA ALA C 50 25.54 38.45 18.68
CA THR C 51 25.62 37.50 21.99
CA ASN C 52 29.33 36.60 21.69
CA SER C 53 29.37 39.51 19.54
CA THR C 54 27.95 42.04 22.12
CA GLY C 55 29.86 40.28 24.96
CA SER C 56 33.23 40.54 23.11
CA ILE C 57 32.73 44.26 22.48
CA GLU C 58 31.47 45.13 25.99
CA TYR C 59 34.45 43.26 27.50
CA LEU C 60 37.06 44.67 25.07
CA ILE C 61 35.82 48.31 25.07
CA GLN C 62 35.62 48.37 28.88
CA HIS C 63 39.32 47.42 28.79
CA ILE C 64 40.26 50.30 26.42
CA LYS C 65 38.25 52.75 28.57
CA THR C 66 40.24 51.23 31.66
CA ILE C 67 43.53 51.79 29.73
CA TYR C 68 42.44 55.34 28.78
CA PRO C 69 41.72 56.22 32.48
CA SER C 70 45.22 55.13 33.48
CA GLU C 71 46.76 56.87 30.50
CA LYS C 72 45.13 60.24 31.44
CA GLN C 73 46.80 60.00 34.82
CA THR C 74 50.16 58.93 33.26
CA LEU C 75 50.30 61.51 30.47
CA PRO C 76 49.70 64.44 32.91
CA GLN C 77 52.57 63.40 35.24
CA SER C 78 55.33 63.17 32.56
CA ILE C 79 54.08 66.26 30.57
CA GLU C 80 54.37 68.24 33.89
CA GLN C 81 58.10 67.39 34.07
CA LEU C 82 58.53 68.76 30.57
CA THR C 83 56.51 72.00 31.32
CA GLN C 84 58.38 72.92 34.34
CA LYS C 85 61.75 72.77 32.56
CA SER C 86 60.48 75.06 29.75
CA LYS C 87 60.90 78.31 31.72
CA LYS C 88 64.05 78.63 33.29
CA ILE C 89 65.91 79.45 30.01
CA ILE C 90 64.89 83.16 30.33
CA GLU C 91 66.56 83.35 33.78
CA GLU C 92 69.58 81.21 32.77
CA ILE C 93 70.43 83.69 29.70
CA ILE C 94 70.48 87.10 31.42
CA ARG C 95 72.81 85.87 34.21
CA TYR C 96 75.17 84.21 31.70
CA GLU C 97 75.25 87.52 29.76
CA ASN C 98 76.34 89.37 32.90
CA THR C 99 78.99 86.71 33.68
CA ILE C 100 80.40 86.68 30.16
CA LEU C 101 80.62 90.53 30.04
CA ALA C 102 82.99 90.43 33.31
CA HIS C 103 85.06 87.33 32.38
CA GLU C 104 85.84 88.55 28.81
CA ASN C 105 87.02 91.89 30.17
CA THR C 106 89.17 90.19 32.83
CA ILE C 107 90.71 87.94 30.15
CA GLN C 108 91.50 90.93 27.98
CA GLN C 109 93.35 92.40 30.94
CA LEU C 110 95.39 89.28 31.70
CA THR C 111 96.30 88.94 27.98
CA ASP C 112 97.45 92.61 27.58
CA MET C 113 99.35 92.55 30.93
CA HIS C 114 101.14 89.35 29.97
CA ILE C 115 102.11 90.92 26.61
CA MET C 116 103.42 94.15 28.19
CA ASN C 117 105.35 92.38 30.94
CA SER C 118 106.86 89.68 28.70
CA ASN C 119 108.16 91.73 25.90
CA LYS C 120 109.54 93.39 29.04
CA ILE C 121 111.45 90.11 29.65
CA THR C 122 112.76 90.15 26.10
CA GLN C 123 113.80 93.80 26.60
CA LEU C 124 115.58 92.99 29.91
CA LYS C 125 117.43 90.12 27.87
CA GLN C 126 118.39 92.54 25.04
CA LYS C 127 119.06 95.29 27.62
CA ILE C 128 121.18 92.89 29.73
CA ALA C 129 123.40 92.21 26.68
CA GLN C 130 123.97 96.00 26.33
CA LEU C 131 124.93 96.36 30.01
CA GLU C 132 127.50 93.51 29.51
CA SER C 133 129.22 95.43 26.69
CA HIS C 134 129.86 98.27 29.19
CA CYS C 135 131.29 96.05 32.02
CA GLN C 136 134.31 94.54 30.18
CA GLU C 137 137.28 96.83 30.97
CA PRO C 138 139.36 96.55 34.16
CA CYS C 139 139.62 99.40 36.71
CA LYS C 140 141.94 102.13 35.41
CA ASP C 141 145.36 102.19 37.11
CA THR C 142 146.73 105.70 37.78
CA ALA C 143 150.32 104.43 37.78
CA GLU C 144 152.19 104.22 34.53
CA ILE C 145 155.79 103.72 33.44
CA GLN C 146 157.35 105.88 30.66
CA GLU C 147 158.67 104.18 27.50
CA THR C 148 162.05 105.95 27.09
CA THR C 149 165.04 103.81 28.23
CA GLY C 150 168.83 104.21 28.62
CA ARG C 151 171.76 103.29 30.89
CA ASP C 152 170.74 105.58 33.79
CA CYS C 153 168.42 108.59 34.40
CA GLN C 154 171.05 111.05 33.01
CA ASP C 155 171.18 109.11 29.67
CA ILE C 156 167.36 109.21 29.66
CA ALA C 157 167.41 112.97 30.40
CA ASN C 158 169.83 113.53 27.46
CA LYS C 159 167.57 111.64 25.07
CA GLY C 160 164.81 114.13 25.78
CA ALA C 161 162.70 112.98 28.79
CA ARG C 162 161.35 115.96 30.74
CA LYS C 163 159.21 114.34 33.42
CA SER C 164 160.15 112.89 36.76
CA GLY C 165 158.74 109.38 37.31
CA LEU C 166 159.12 105.67 36.52
CA TYR C 167 161.43 104.40 33.75
CA PHE C 168 163.40 101.26 32.88
CA ILE C 169 167.22 101.55 32.81
CA LYS C 170 169.92 99.08 31.81
CA PRO C 171 173.61 99.76 32.65
CA GLN C 172 176.34 98.12 30.44
CA LYS C 173 177.31 95.23 32.67
CA ALA C 174 173.72 94.59 33.85
CA LYS C 175 172.04 91.34 32.81
CA GLN C 176 168.42 92.53 32.86
CA SER C 177 166.79 95.95 32.79
CA PHE C 178 165.21 97.21 36.05
CA LEU C 179 162.73 99.90 37.18
CA VAL C 180 163.84 103.13 38.87
CA TYR C 181 162.46 106.50 39.80
CA CYS C 182 164.17 109.32 37.84
CA GLU C 183 164.26 112.88 39.23
CA ILE C 184 164.47 115.28 36.26
CA ASP C 185 165.07 119.04 36.49
CA THR C 186 164.49 121.93 34.07
CA TYR C 187 168.28 122.10 33.64
CA GLY C 188 168.41 118.69 31.98
CA ASN C 189 170.07 116.95 34.95
CA GLY C 190 168.73 113.36 35.45
CA TRP C 191 169.14 112.01 39.02
CA THR C 192 168.60 108.32 39.74
CA VAL C 193 167.11 107.95 43.22
CA LEU C 194 168.11 104.93 45.35
CA GLN C 195 166.78 105.72 48.85
CA ARG C 196 163.69 107.48 50.19
CA ARG C 197 162.29 107.95 53.70
CA LEU C 198 159.16 110.10 54.17
CA ASP C 199 156.52 108.64 56.52
CA GLY C 200 157.74 105.45 58.24
CA SER C 201 155.40 103.12 56.28
CA GLU C 202 158.23 100.71 55.29
CA ASP C 203 160.29 98.61 57.73
CA PHE C 204 164.10 98.98 57.06
CA ARG C 205 165.16 96.10 59.27
CA ARG C 206 165.77 93.72 56.32
CA ASN C 207 168.26 90.92 55.59
CA TRP C 208 171.29 90.74 53.28
CA VAL C 209 169.31 89.59 50.23
CA GLN C 210 166.60 92.26 50.65
CA TYR C 211 169.25 94.94 50.88
CA LYS C 212 170.95 93.45 47.78
CA GLU C 213 167.83 93.22 45.55
CA GLY C 214 165.70 96.14 46.90
CA PHE C 215 162.49 96.59 48.97
CA GLY C 216 159.74 99.21 49.33
CA HIS C 217 157.66 100.70 46.43
CA LEU C 218 158.21 102.95 43.41
CA SER C 219 155.79 105.74 42.47
CA PRO C 220 155.38 108.26 39.64
CA ASP C 221 154.90 111.06 42.27
CA ASP C 222 157.95 110.20 44.36
CA THR C 223 155.73 109.72 47.44
CA THR C 224 156.84 106.32 48.62
CA GLU C 225 159.57 104.74 50.77
CA PHE C 226 162.12 102.33 49.23
CA TRP C 227 165.71 101.04 48.96
CA LEU C 228 166.80 100.42 45.31
CA GLY C 229 169.19 97.55 46.02
CA ASN C 230 172.91 97.27 46.51
CA GLU C 231 173.38 95.26 43.28
CA LYS C 232 171.75 98.08 41.28
CA ILE C 233 173.64 100.92 43.03
CA HIS C 234 176.82 99.04 42.28
CA LEU C 235 175.98 98.66 38.53
CA ILE C 236 175.01 102.34 37.98
CA THR C 237 177.96 103.85 40.00
CA THR C 238 180.78 101.70 38.39
CA GLN C 239 179.88 101.69 34.62
CA SER C 240 183.03 102.27 32.54
CA THR C 241 184.96 104.64 34.86
CA LEU C 242 182.63 107.66 34.79
CA PRO C 243 183.00 109.64 38.05
CA TYR C 244 179.67 109.70 39.84
CA ALA C 245 178.32 112.01 42.57
CA LEU C 246 176.02 111.25 45.57
CA ARG C 247 173.59 113.85 47.01
CA ILE C 248 171.89 113.29 50.37
CA GLU C 249 168.82 115.52 51.10
CA LEU C 250 167.50 115.94 54.59
CA GLU C 251 164.34 117.42 55.99
CA ASP C 252 163.39 118.01 59.61
CA TRP C 253 160.13 118.14 61.55
CA SER C 254 159.89 121.93 60.77
CA GLY C 255 160.04 122.06 56.93
CA LYS C 256 163.74 122.84 57.08
CA LYS C 257 165.98 121.12 54.53
CA GLY C 258 169.75 120.53 54.18
CA THR C 259 172.07 118.69 51.71
CA ALA C 260 175.46 116.94 51.56
CA ASP C 261 177.45 116.03 48.46
CA TYR C 262 180.10 113.41 47.84
CA ALA C 263 182.34 113.20 44.77
CA VAL C 264 183.51 110.05 42.95
CA PHE C 265 180.95 107.90 44.81
CA LYS C 266 181.07 104.17 44.23
CA VAL C 267 179.54 101.04 45.78
CA GLY C 268 181.78 97.96 45.40
CA THR C 269 180.98 94.43 44.12
CA GLU C 270 179.14 91.77 46.14
CA GLU C 271 182.50 89.99 46.62
CA ASP C 272 183.76 93.16 48.46
CA LYS C 273 180.41 93.10 50.30
CA TYR C 274 179.16 96.38 48.89
CA ARG C 275 181.86 98.65 50.21
CA LEU C 276 181.16 102.33 50.09
CA THR C 277 183.92 104.54 48.66
CA TYR C 278 184.12 108.26 47.77
CA ALA C 279 187.09 110.67 47.19
CA TYR C 280 185.82 113.86 48.92
CA PHE C 281 182.96 115.68 50.72
CA ILE C 282 181.94 118.29 48.09
CA GLY C 283 180.01 120.81 50.26
CA GLY C 284 176.54 121.40 51.78
CA GLU C 285 174.73 122.79 54.80
CA ARG C 286 174.16 119.35 56.35
CA GLY C 287 177.88 118.82 56.78
CA ASP C 288 179.97 115.68 56.46
CA ALA C 289 178.78 112.93 58.80
CA PHE C 290 180.52 110.44 56.46
CA ASP C 291 183.81 111.79 57.78
CA GLY C 292 182.81 110.67 61.28
CA PHE C 293 181.89 112.78 64.33
CA ASN C 294 183.31 113.44 67.81
CA PHE C 295 180.31 112.56 69.99
CA GLY C 296 182.68 112.98 72.91
CA ASP C 297 181.89 109.73 74.73
CA ASP C 298 185.48 108.88 73.84
CA PRO C 299 188.51 110.27 72.03
CA SER C 300 188.30 107.47 69.46
CA ASP C 301 184.67 108.30 68.51
CA LYS C 302 185.40 110.21 65.29
CA SER C 303 187.59 107.43 63.90
CA TYR C 304 185.13 104.64 64.70
CA THR C 305 182.13 106.47 63.27
CA TYR C 306 183.45 107.36 59.77
CA HIS C 307 181.91 105.65 56.75
CA ASN C 308 184.50 105.83 53.89
CA GLY C 309 185.78 102.32 53.06
CA MET C 310 183.25 100.47 55.25
CA ARG C 311 181.62 97.25 54.04
CA PHE C 312 177.82 96.95 54.03
CA SER C 313 176.25 95.06 56.98
CA THR C 314 172.78 93.64 57.91
CA PHE C 315 171.81 91.55 61.04
CA ASP C 316 172.58 88.28 59.16
CA ASN C 317 175.82 89.49 57.48
CA ASP C 318 178.07 91.45 59.83
CA ASN C 319 181.15 93.13 58.28
CA ASP C 320 181.46 96.03 60.76
CA ASN C 321 184.62 96.94 62.76
CA PHE C 322 182.82 96.07 66.03
CA GLU C 323 183.14 93.04 68.29
CA GLY C 324 179.35 92.75 68.39
CA ASN C 325 176.86 93.35 65.54
CA CYS C 326 176.02 96.99 64.80
CA ALA C 327 173.41 96.09 62.17
CA GLU C 328 171.49 93.70 64.51
CA GLN C 329 171.61 96.19 67.43
CA ASP C 330 170.43 99.36 65.56
CA GLY C 331 167.87 97.46 63.48
CA SER C 332 168.97 98.37 59.93
CA GLY C 333 171.08 97.80 56.83
CA TRP C 334 174.11 100.17 56.46
CA TRP C 335 177.86 100.85 55.97
CA MET C 336 178.78 100.34 59.66
CA ASN C 337 182.11 100.98 61.46
CA ARG C 338 181.59 101.05 65.22
CA CYS C 339 178.91 101.96 64.38
CA HIS C 340 177.95 105.26 62.65
CA ALA C 341 177.61 109.08 62.62
CA GLY C 342 175.23 109.14 59.62
CA HIS C 343 172.33 106.59 59.53
CA LEU C 344 169.56 107.12 57.02
CA ASN C 345 168.22 103.53 57.00
CA GLY C 346 167.46 103.90 60.72
CA PRO C 347 164.29 103.72 62.78
CA TYR C 348 161.53 106.18 61.99
CA TYR C 349 160.64 108.24 65.14
CA ILE C 350 157.51 110.41 64.88
CA GLY C 351 158.32 113.98 66.03
CA GLY C 352 162.11 114.02 65.47
CA VAL C 353 163.24 113.97 69.10
CA TYR C 354 163.59 110.62 70.89
CA SER C 355 165.62 109.33 73.82
CA ARG C 356 167.57 106.38 75.11
CA ASP C 357 164.38 104.93 76.66
CA THR C 358 162.59 104.80 73.30
CA GLY C 359 165.44 102.54 72.04
CA THR C 360 165.58 98.75 72.51
CA ASN C 361 169.21 98.52 73.62
CA SER C 362 170.13 102.05 74.63
CA TYR C 363 171.99 103.10 71.45
CA ASP C 364 170.92 105.86 69.08
CA ASN C 365 169.39 103.91 66.16
CA GLY C 366 167.19 106.60 64.53
CA ILE C 367 167.49 108.41 61.13
CA ILE C 368 170.47 110.51 62.12
CA TRP C 369 173.02 112.88 60.59
CA ALA C 370 175.40 113.96 63.37
CA THR C 371 176.79 117.10 61.72
CA TRP C 372 173.30 118.62 61.39
CA ARG C 373 171.40 117.45 64.46
CA ASP C 374 172.17 115.57 67.67
CA ARG C 375 172.34 111.76 67.68
CA TRP C 376 168.94 111.94 69.38
CA TYR C 377 167.13 113.71 66.57
CA SER C 378 165.63 111.42 63.86
CA MET C 379 164.74 113.03 60.52
CA LYS C 380 161.31 113.31 58.95
CA LYS C 381 162.34 112.90 55.30
CA THR C 382 165.45 111.57 53.53
CA THR C 383 166.73 111.06 50.00
CA MET C 384 169.91 109.58 48.52
CA LYS C 385 170.38 109.97 44.73
CA ILE C 386 173.20 109.87 42.13
CA ILE C 387 174.38 111.48 38.96
CA PRO C 388 177.48 111.53 36.70
CA PHE C 389 179.78 114.10 38.35
CA ASN C 390 180.47 116.29 35.28
CA ARG C 391 176.84 117.44 35.69
CA LEU C 392 175.42 119.34 38.65
CA SER C 393 176.30 118.31 42.19
CA ILE C 394 178.71 121.22 42.65
CA ASP C 395 179.61 120.26 39.08
CA GLY C 396 181.22 121.36 35.84
CA GLN C 397 179.29 121.03 32.56
CA ILE D 36 -4.86 -12.45 23.93
CA CYS D 37 -6.71 -9.11 23.10
CA VAL D 38 -7.44 -8.28 19.55
CA ASP D 39 -7.29 -4.65 18.41
CA ASP D 40 -8.80 -3.13 15.28
CA ASP D 41 -8.25 0.48 14.18
CA TRP D 42 -11.07 2.26 12.78
CA GLY D 43 -11.15 5.97 12.32
CA THR D 44 -13.83 8.22 10.90
CA LYS D 45 -11.48 8.87 8.02
CA CYS D 46 -12.97 8.52 4.51
CA PRO D 47 -9.69 7.43 2.77
CA SER D 48 -7.99 4.02 2.84
CA CYS D 49 -4.60 2.94 1.57
CA CYS D 50 -4.39 1.14 -1.75
CA ARG D 51 -6.73 -1.88 -1.01
CA MET D 52 -9.40 -0.49 -3.52
CA GLN D 53 -7.54 -1.49 -6.66
CA GLY D 54 -6.93 -5.12 -5.43
CA ILE D 55 -10.52 -5.42 -4.23
CA ILE D 56 -11.73 -4.43 -7.65
CA ASP D 57 -9.77 -7.23 -9.37
CA ASP D 58 -10.90 -9.82 -6.67
CA THR D 59 -14.63 -9.12 -7.34
CA ASP D 60 -14.10 -9.40 -11.09
CA GLN D 61 -12.45 -12.83 -10.49
CA ASN D 62 -15.30 -14.01 -8.34
CA TYR D 63 -17.88 -12.94 -10.96
CA SER D 64 -15.86 -14.65 -13.67
CA GLN D 65 -15.88 -17.91 -11.64
CA ARG D 66 -19.70 -17.59 -11.31
CA ILE D 67 -19.87 -16.69 -15.00
CA ASP D 68 -17.44 -19.88 -15.59
CA ASN D 69 -19.50 -22.24 -13.52
CA ILE D 70 -22.60 -20.68 -15.18
CA ARG D 71 -21.00 -21.45 -18.69
CA GLN D 72 -19.76 -25.16 -17.83
CA GLN D 73 -23.04 -25.90 -16.29
CA LEU D 74 -24.75 -24.27 -19.33
CA ALA D 75 -22.61 -26.50 -21.83
CA ASP D 76 -23.08 -29.65 -19.72
CA SER D 77 -26.76 -28.82 -20.01
CA GLN D 78 -25.90 -27.52 -23.16
CA ASN D 79 -24.08 -30.63 -24.56
CA LYS D 80 -26.27 -32.79 -22.16
CA TYR D 81 -29.40 -30.99 -23.31
CA LYS D 82 -28.47 -31.21 -27.01
CA THR D 83 -27.75 -34.96 -27.19
CA SER D 84 -30.65 -35.91 -24.79
CA ASN D 85 -32.98 -33.98 -27.22
CA ARG D 86 -31.91 -36.32 -30.11
CA VAL D 87 -32.88 -39.28 -27.92
CA ILE D 88 -36.26 -37.77 -26.88
CA VAL D 89 -37.01 -36.70 -30.47
CA GLU D 90 -36.43 -40.28 -31.58
CA THR D 91 -39.01 -41.65 -29.20
CA ILE D 92 -41.49 -38.88 -30.08
CA ASN D 93 -41.10 -39.77 -33.76
CA ILE D 94 -41.51 -43.51 -32.99
CA LEU D 95 -44.77 -42.81 -31.04
CA LYS D 96 -46.06 -40.69 -34.01
CA PRO D 97 -45.47 -43.62 -36.41
CA GLY D 98 -47.18 -46.13 -34.07
CA LEU D 99 -50.16 -43.80 -33.51
CA GLU D 100 -50.44 -43.45 -37.32
CA GLY D 101 -50.65 -47.24 -37.69
CA ALA D 102 -53.23 -47.48 -34.86
CA GLN D 103 -55.42 -44.71 -36.24
CA GLN D 104 -55.77 -46.18 -39.58
CA LEU D 105 -56.97 -49.42 -37.95
CA ASP D 106 -59.51 -47.50 -35.85
CA GLU D 107 -60.83 -45.69 -38.91
CA ASN D 108 -61.22 -48.96 -40.78
CA TYR D 109 -62.81 -50.79 -37.84
CA GLY D 110 -65.40 -48.03 -37.44
CA HIS D 111 -66.21 -48.14 -41.17
CA VAL D 112 -66.55 -51.96 -41.20
CA SER D 113 -69.00 -51.80 -38.29
CA THR D 114 -71.53 -49.67 -40.00
CA GLU D 115 -71.62 -51.95 -43.02
CA LEU D 116 -71.94 -55.18 -40.87
CA ARG D 117 -74.58 -53.54 -38.66
CA ARG D 118 -76.60 -52.70 -41.72
CA ARG D 119 -76.72 -56.34 -42.88
CA ILE D 120 -77.50 -57.53 -39.32
CA VAL D 121 -80.39 -55.12 -39.18
CA THR D 122 -81.73 -56.47 -42.44
CA LEU D 123 -81.39 -59.99 -41.12
CA LYS D 124 -83.32 -59.37 -37.85
CA GLN D 125 -86.12 -58.13 -39.76
CA ARG D 126 -86.77 -61.47 -41.66
CA VAL D 127 -86.78 -63.57 -38.59
CA ALA D 128 -89.04 -61.11 -36.98
CA THR D 129 -91.85 -61.09 -39.86
CA GLN D 130 -91.65 -64.97 -40.38
CA VAL D 131 -92.60 -65.59 -36.81
CA ASN D 132 -95.62 -63.24 -37.30
CA ARG D 133 -97.40 -65.28 -40.17
CA ILE D 134 -96.58 -68.65 -38.56
CA LYS D 135 -98.43 -67.69 -35.67
CA ALA D 136 -101.65 -66.80 -37.76
CA LEU D 137 -101.71 -70.18 -39.61
CA GLN D 138 -101.28 -72.22 -36.48
CA ASN D 139 -104.33 -70.39 -35.14
CA SER D 140 -106.14 -71.07 -38.42
CA ILE D 141 -104.99 -74.69 -38.35
CA GLN D 142 -106.34 -75.64 -34.86
CA GLU D 143 -109.61 -73.86 -35.82
CA GLN D 144 -109.88 -75.78 -39.12
CA VAL D 145 -108.99 -78.96 -37.18
CA VAL D 146 -112.06 -78.58 -34.85
CA GLU D 147 -114.29 -77.86 -37.89
CA MET D 148 -112.95 -80.97 -39.68
CA LYS D 149 -113.79 -83.21 -36.64
CA ARG D 150 -117.39 -81.98 -36.67
CA LEU D 151 -117.60 -82.26 -40.42
CA GLU D 152 -116.53 -85.96 -40.36
CA VAL D 153 -119.42 -86.67 -38.03
CA ASP D 154 -121.84 -84.75 -39.79
CA ILE D 155 -121.08 -86.99 -42.75
CA ASP D 156 -121.14 -90.18 -40.70
CA ILE D 157 -124.59 -89.14 -39.42
CA LYS D 158 -126.00 -87.72 -42.67
CA ILE D 159 -124.95 -90.76 -44.85
CA ARG D 160 -126.57 -93.11 -42.33
CA ALA D 161 -129.88 -91.09 -42.42
CA CYS D 162 -130.06 -91.77 -46.23
CA LYS D 163 -130.73 -95.44 -45.43
CA GLY D 164 -134.46 -94.80 -44.86
CA SER D 165 -134.97 -92.90 -48.22
CA CYS D 166 -132.36 -94.01 -50.82
CA ALA D 167 -131.53 -97.36 -52.43
CA ARG D 168 -128.63 -97.99 -49.95
CA SER D 169 -126.33 -96.12 -47.50
CA PHE D 170 -123.46 -95.61 -48.05
CA ASP D 171 -122.13 -98.20 -45.59
CA TYR D 172 -119.69 -96.25 -43.44
CA GLN D 173 -118.14 -95.77 -40.04
CA VAL D 174 -115.84 -93.20 -38.43
CA ASP D 175 -112.37 -93.14 -36.95
CA LYS D 176 -111.88 -90.33 -34.43
CA GLU D 177 -108.70 -92.14 -33.52
CA GLY D 178 -106.62 -90.63 -36.29
CA TYR D 179 -107.74 -87.72 -35.51
CA ASP D 180 -107.07 -88.48 -31.85
CA ASN D 181 -103.49 -88.59 -33.25
CA ILE D 182 -102.96 -85.62 -35.57
CA GLN D 183 -104.50 -83.20 -33.03
CA LYS D 184 -102.01 -84.66 -30.59
CA HIS D 185 -99.01 -84.10 -32.87
CA LEU D 186 -100.08 -80.47 -33.31
CA THR D 187 -99.81 -78.96 -30.09
CA GLN D 188 -96.44 -80.60 -29.25
CA GLY E 68 8.50 -21.72 12.64
CA GLY E 69 5.96 -19.35 11.05
CA CYS E 70 7.92 -18.01 8.16
CA LYS E 71 7.69 -19.04 4.61
CA HIS E 72 11.13 -19.43 3.03
CA PRO E 73 10.41 -19.78 -0.74
CA LEU E 74 12.33 -17.85 -3.44
CA ASP E 75 9.21 -15.66 -4.20
CA GLU E 76 9.89 -11.94 -4.41
CA LEU E 77 7.14 -9.38 -3.54
CA GLY E 78 6.84 -6.13 -4.84
CA VAL E 79 4.07 -4.28 -3.04
CA LEU E 80 3.01 -0.64 -2.95
CA CYS E 81 0.27 1.69 -2.67
CA PRO E 82 -1.90 2.62 -5.58
CA THR E 83 -1.81 6.44 -6.23
CA GLY E 84 -3.06 8.23 -8.29
CA CYS E 85 -5.97 7.02 -9.52
CA GLU E 86 -4.50 5.40 -12.62
CA LEU E 87 -4.85 2.74 -11.67
CA GLN E 88 -8.54 3.26 -10.81
CA THR E 89 -9.14 4.90 -14.19
CA THR E 90 -7.20 2.17 -16.03
CA LEU E 91 -8.89 -0.78 -14.33
CA LEU E 92 -12.36 0.76 -14.55
CA LYS E 93 -11.76 1.17 -18.31
CA GLN E 94 -10.33 -2.39 -18.75
CA GLU E 95 -12.94 -4.25 -16.65
CA LYS E 96 -15.59 -1.92 -18.11
CA THR E 97 -14.78 -3.35 -21.59
CA VAL E 98 -14.05 -6.65 -20.66
CA LYS E 99 -17.06 -6.73 -18.26
CA PRO E 100 -19.56 -5.22 -20.79
CA VAL E 101 -18.22 -7.41 -23.67
CA LEU E 102 -18.52 -10.55 -21.54
CA ARG E 103 -22.13 -9.58 -20.66
CA ASP E 104 -23.12 -8.89 -24.28
CA LEU E 105 -21.51 -12.03 -25.65
CA LYS E 106 -22.94 -14.62 -23.22
CA ASP E 107 -26.08 -12.56 -22.41
CA ARG E 108 -27.10 -12.13 -26.08
CA VAL E 109 -26.51 -15.87 -26.58
CA ALA E 110 -28.50 -17.02 -23.56
CA LYS E 111 -31.46 -14.71 -24.45
CA PHE E 112 -31.46 -16.52 -27.85
CA SER E 113 -31.12 -19.99 -26.25
CA ASP E 114 -34.11 -19.47 -23.97
CA THR E 115 -36.56 -18.62 -26.67
CA SER E 116 -35.86 -22.02 -28.27
CA THR E 117 -35.93 -23.89 -24.94
CA THR E 118 -39.29 -22.36 -23.84
CA MET E 119 -40.86 -23.25 -27.22
CA TYR E 120 -39.61 -26.85 -27.16
CA GLN E 121 -41.09 -27.30 -23.69
CA TYR E 122 -44.30 -25.63 -24.77
CA VAL E 123 -44.51 -27.70 -27.71
CA ASN E 124 -43.25 -30.69 -25.67
CA MET E 125 -46.10 -30.01 -23.20
CA ILE E 126 -48.71 -29.46 -25.97
CA ASP E 127 -47.72 -32.85 -27.45
CA ASN E 128 -48.09 -34.45 -23.99
CA LYS E 129 -51.57 -33.07 -23.61
CA LEU E 130 -52.38 -34.15 -27.23
CA VAL E 131 -50.75 -37.56 -26.63
CA LYS E 132 -52.89 -38.16 -23.47
CA THR E 133 -56.16 -37.51 -25.50
CA GLN E 134 -55.47 -40.10 -28.18
CA LYS E 135 -54.20 -42.50 -25.75
CA GLN E 136 -57.58 -42.00 -23.87
CA ARG E 137 -59.55 -42.21 -27.07
CA LYS E 138 -57.79 -45.49 -28.06
CA ASP E 139 -58.75 -47.07 -24.71
CA ASN E 140 -62.39 -45.88 -24.98
CA ASP E 141 -62.68 -47.11 -28.60
CA ILE E 142 -61.31 -50.50 -27.41
CA ILE E 143 -64.06 -50.74 -24.80
CA LEU E 144 -66.74 -49.72 -27.35
CA SER E 145 -65.56 -52.17 -29.98
CA GLU E 146 -65.45 -55.08 -27.46
CA TYR E 147 -69.11 -54.28 -26.48
CA ASN E 148 -70.05 -53.93 -30.19
CA THR E 149 -68.10 -57.11 -31.01
CA GLU E 150 -69.77 -59.18 -28.23
CA MET E 151 -73.24 -58.03 -29.39
CA GLU E 152 -72.59 -58.83 -33.06
CA LEU E 153 -71.47 -62.34 -32.09
CA HIS E 154 -74.44 -62.70 -29.79
CA TYR E 155 -77.04 -61.56 -32.52
CA ASN E 156 -75.26 -64.00 -34.91
CA TYR E 157 -75.96 -66.87 -32.46
CA ILE E 158 -79.62 -65.72 -32.12
CA LYS E 159 -80.09 -65.71 -35.95
CA ASP E 160 -78.69 -69.23 -36.19
CA ASN E 161 -80.85 -70.48 -33.28
CA LEU E 162 -84.07 -69.08 -34.84
CA ASP E 163 -83.29 -70.31 -38.34
CA ASN E 164 -82.84 -73.79 -36.85
CA ASN E 165 -86.14 -73.53 -34.99
CA ILE E 166 -88.25 -72.44 -37.71
CA PRO E 167 -86.91 -75.00 -40.01
CA SER E 168 -88.34 -77.60 -37.50
CA SER E 169 -91.97 -76.10 -37.00
CA LEU E 170 -92.51 -75.35 -40.69
CA ARG E 171 -91.70 -78.88 -41.20
CA VAL E 172 -94.54 -80.07 -38.65
CA LEU E 173 -97.28 -77.72 -40.08
CA ARG E 174 -96.85 -79.07 -43.41
CA ALA E 175 -97.43 -82.38 -41.77
CA VAL E 176 -100.81 -81.58 -40.07
CA ILE E 177 -102.13 -79.78 -43.15
CA ASP E 178 -101.61 -82.94 -45.24
CA SER E 179 -103.44 -85.06 -42.61
CA LEU E 180 -106.39 -82.63 -42.84
CA HIS E 181 -106.22 -82.42 -46.67
CA LYS E 182 -106.15 -86.24 -47.15
CA LYS E 183 -109.18 -86.63 -44.81
CA ILE E 184 -111.21 -83.92 -46.55
CA GLN E 185 -110.53 -85.53 -49.92
CA LYS E 186 -111.84 -88.81 -48.44
CA LEU E 187 -115.30 -87.28 -47.24
CA GLU E 188 -115.95 -85.58 -50.57
CA ASN E 189 -115.28 -88.62 -52.44
CA ALA E 190 -117.71 -90.70 -50.13
CA ILE E 191 -120.59 -88.04 -50.36
CA ALA E 192 -120.47 -88.04 -54.06
CA THR E 193 -120.92 -91.75 -53.75
CA GLN E 194 -124.09 -91.38 -51.66
CA THR E 195 -125.51 -88.73 -54.03
CA ASP E 196 -125.54 -91.37 -56.78
CA TYR E 197 -127.33 -93.91 -54.55
CA CYS E 198 -129.93 -91.25 -53.77
CA ARG E 199 -130.98 -91.30 -57.45
CA SER E 200 -133.31 -94.25 -56.70
CA PRO E 201 -135.50 -94.69 -53.60
CA CYS E 202 -135.86 -97.58 -51.12
CA VAL E 203 -139.23 -99.50 -51.54
CA ALA E 204 -141.56 -101.55 -49.26
CA SER E 205 -144.69 -103.59 -50.05
CA CYS E 206 -146.80 -103.40 -46.94
CA ASN E 207 -149.96 -105.55 -47.43
CA ILE E 208 -152.74 -104.67 -44.97
CA PRO E 209 -153.92 -106.89 -42.13
CA VAL E 210 -157.58 -107.59 -42.31
CA VAL E 211 -157.99 -106.78 -38.61
CA SER E 212 -158.42 -103.08 -37.72
CA GLY E 213 -159.79 -100.76 -35.04
CA ARG E 214 -159.43 -97.38 -33.26
CA GLU E 215 -155.93 -98.01 -31.91
CA CYS E 216 -153.60 -100.98 -31.18
CA GLU E 217 -155.41 -101.89 -27.92
CA ASP E 218 -158.78 -102.54 -29.66
CA ILE E 219 -156.86 -104.60 -32.29
CA TYR E 220 -155.09 -106.81 -29.73
CA ARG E 221 -158.58 -107.27 -28.27
CA LYS E 222 -159.92 -108.31 -31.69
CA GLY E 223 -157.35 -111.08 -32.11
CA GLY E 224 -154.34 -109.30 -33.65
CA GLU E 225 -151.49 -110.76 -31.66
CA THR E 226 -148.42 -110.17 -33.79
CA SER E 227 -146.36 -107.00 -33.92
CA GLU E 228 -146.53 -105.31 -37.28
CA MET E 229 -148.03 -102.44 -39.26
CA TYR E 230 -151.80 -102.02 -38.90
CA ILE E 231 -154.39 -99.51 -40.19
CA ILE E 232 -156.23 -97.68 -37.38
CA GLN E 233 -159.19 -95.22 -37.61
CA PRO E 234 -159.31 -93.33 -34.26
CA ASP E 235 -162.17 -91.25 -35.53
CA PRO E 236 -164.87 -91.58 -38.13
CA PHE E 237 -163.92 -88.08 -39.28
CA THR E 238 -160.24 -88.85 -39.90
CA THR E 239 -159.07 -91.12 -42.74
CA PRO E 240 -157.54 -94.37 -41.50
CA TYR E 241 -153.72 -94.28 -41.33
CA ARG E 242 -150.75 -96.51 -40.74
CA VAL E 243 -149.11 -97.29 -37.40
CA TYR E 244 -146.70 -99.82 -35.86
CA CYS E 245 -148.42 -101.89 -33.15
CA ASP E 246 -146.24 -103.53 -30.44
CA MET E 247 -148.23 -106.52 -29.28
CA GLU E 248 -145.58 -108.04 -27.02
CA THR E 249 -144.17 -105.52 -24.43
CA ASP E 250 -146.06 -104.95 -21.18
CA ASN E 251 -149.10 -107.03 -22.25
CA GLY E 252 -149.25 -105.45 -25.75
CA GLY E 253 -151.80 -103.08 -27.30
CA TRP E 254 -149.17 -100.26 -27.58
CA THR E 255 -149.52 -97.72 -30.47
CA LEU E 256 -145.93 -96.60 -31.42
CA ILE E 257 -145.59 -92.76 -31.82
CA GLN E 258 -141.79 -92.51 -32.09
CA ASN E 259 -139.06 -95.04 -32.81
CA ARG E 260 -135.21 -95.01 -32.91
CA GLN E 261 -133.00 -98.04 -33.53
CA ASP E 262 -130.43 -97.48 -36.27
CA GLY E 263 -129.83 -94.00 -37.57
CA SER E 264 -131.80 -94.37 -40.84
CA VAL E 265 -134.07 -91.26 -40.71
CA ASN E 266 -133.29 -87.55 -40.25
CA PHE E 267 -135.06 -86.03 -37.15
CA GLY E 268 -133.73 -82.47 -37.50
CA ARG E 269 -136.88 -81.21 -39.32
CA ALA E 270 -139.27 -78.24 -39.49
CA TRP E 271 -142.63 -77.52 -37.85
CA ASP E 272 -144.77 -78.88 -40.76
CA GLU E 273 -143.19 -82.32 -41.11
CA TYR E 274 -143.31 -82.65 -37.24
CA LYS E 275 -147.00 -81.72 -37.56
CA ARG E 276 -147.82 -84.26 -40.27
CA GLY E 277 -145.47 -87.17 -39.48
CA PHE E 278 -142.31 -88.41 -41.27
CA GLY E 279 -140.10 -91.48 -41.55
CA ASN E 280 -139.75 -94.97 -43.15
CA ILE E 281 -142.27 -97.77 -42.18
CA ALA E 282 -141.43 -100.88 -44.22
CA LYS E 283 -138.84 -102.85 -46.23
CA SER E 284 -139.10 -106.19 -48.38
CA GLY E 285 -137.57 -108.72 -46.01
CA GLY E 286 -138.75 -112.21 -47.14
CA LYS E 287 -142.50 -111.93 -46.31
CA LYS E 288 -145.45 -110.16 -47.94
CA TYR E 289 -146.06 -108.14 -44.70
CA CYS E 290 -144.14 -105.40 -42.81
CA ASP E 291 -143.39 -106.88 -39.31
CA THR E 292 -140.23 -104.80 -38.61
CA PRO E 293 -140.59 -101.23 -37.31
CA GLY E 294 -138.68 -98.43 -39.12
CA GLU E 295 -137.67 -95.05 -37.51
CA TYR E 296 -140.48 -92.54 -37.45
CA TRP E 297 -142.46 -89.71 -35.81
CA LEU E 298 -146.26 -90.12 -36.00
CA GLY E 299 -147.42 -86.53 -36.64
CA ASN E 300 -148.17 -84.10 -33.72
CA ASP E 301 -151.82 -83.67 -34.82
CA LYS E 302 -152.33 -87.48 -34.82
CA ILE E 303 -150.68 -87.75 -31.39
CA SER E 304 -152.80 -84.94 -29.93
CA GLN E 305 -156.05 -86.61 -31.13
CA LEU E 306 -154.93 -90.02 -29.71
CA THR E 307 -154.25 -88.53 -26.24
CA LYS E 308 -157.51 -86.47 -26.00
CA ILE E 309 -159.79 -89.45 -26.79
CA GLY E 310 -159.52 -90.65 -23.18
CA PRO E 311 -157.04 -91.33 -20.35
CA THR E 312 -153.78 -92.46 -21.99
CA LYS E 313 -150.58 -93.95 -20.57
CA VAL E 314 -147.17 -93.38 -22.20
CA LEU E 315 -144.31 -95.91 -22.29
CA ILE E 316 -140.72 -94.95 -23.12
CA GLU E 317 -138.22 -97.78 -23.60
CA MET E 318 -134.49 -97.47 -24.20
CA GLU E 319 -131.36 -99.63 -24.61
CA ASP E 320 -127.60 -99.05 -24.59
CA TRP E 321 -124.86 -100.37 -26.86
CA ASN E 322 -124.14 -103.30 -24.51
CA GLY E 323 -127.71 -104.51 -24.33
CA ASP E 324 -128.93 -102.99 -21.08
CA LYS E 325 -132.62 -101.98 -21.09
CA VAL E 326 -134.71 -99.56 -18.93
CA SER E 327 -138.20 -97.94 -19.03
CA ALA E 328 -139.97 -94.68 -18.03
CA LEU E 329 -143.76 -95.17 -17.81
CA TYR E 330 -146.18 -92.26 -17.33
CA GLY E 331 -149.70 -93.35 -16.36
CA GLY E 332 -151.27 -90.04 -17.58
CA PHE E 333 -150.06 -88.35 -20.88
CA THR E 334 -151.71 -85.57 -22.97
CA ILE E 335 -150.67 -83.28 -25.86
CA HIS E 336 -152.83 -80.24 -26.70
CA ASN E 337 -153.61 -79.14 -30.29
CA GLU E 338 -151.66 -76.85 -32.56
CA GLY E 339 -153.34 -73.67 -31.41
CA ASN E 340 -151.91 -74.51 -27.90
CA LYS E 341 -148.50 -75.34 -29.40
CA TYR E 342 -148.83 -79.07 -28.69
CA GLN E 343 -148.29 -78.43 -24.94
CA LEU E 344 -147.32 -81.66 -23.11
CA SER E 345 -148.61 -82.86 -19.73
CA VAL E 346 -147.53 -86.12 -18.03
CA SER E 347 -148.04 -87.82 -14.59
CA ASN E 348 -147.85 -91.04 -12.48
CA TYR E 349 -144.25 -91.99 -13.13
CA LYS E 350 -142.91 -95.52 -12.64
CA GLY E 351 -139.76 -97.26 -13.84
CA ASN E 352 -136.01 -97.60 -13.91
CA ALA E 353 -134.81 -94.96 -16.36
CA GLY E 354 -135.23 -91.89 -14.12
CA ASN E 355 -138.09 -89.30 -14.15
CA ALA E 356 -136.50 -86.87 -16.58
CA LEU E 357 -139.83 -85.44 -17.89
CA MET E 358 -141.32 -84.33 -14.56
CA GLU E 359 -138.22 -83.63 -12.41
CA GLY E 360 -135.20 -82.70 -14.67
CA ALA E 361 -131.62 -84.10 -14.75
CA SER E 362 -130.99 -85.54 -11.21
CA GLN E 363 -127.23 -84.72 -11.57
CA LEU E 364 -127.79 -80.95 -11.57
CA TYR E 365 -129.09 -79.00 -8.57
CA GLY E 366 -131.35 -76.06 -7.93
CA GLU E 367 -132.22 -73.79 -10.90
CA ASN E 368 -130.03 -75.87 -13.19
CA ARG E 369 -132.39 -78.78 -12.56
CA THR E 370 -135.75 -77.05 -12.91
CA MET E 371 -134.90 -75.46 -16.29
CA THR E 372 -134.57 -79.10 -17.60
CA ILE E 373 -138.21 -80.06 -16.81
CA HIS E 374 -140.31 -81.03 -19.87
CA ASN E 375 -143.74 -81.29 -18.20
CA GLY E 376 -145.92 -78.24 -19.06
CA MET E 377 -143.57 -77.24 -22.00
CA TYR E 378 -144.55 -76.26 -25.62
CA PHE E 379 -143.20 -78.00 -28.80
CA SER E 380 -140.36 -76.27 -30.64
CA THR E 381 -138.69 -76.95 -34.05
CA TYR E 382 -135.67 -75.11 -35.63
CA ASP E 383 -137.92 -72.76 -37.63
CA ARG E 384 -140.36 -72.31 -34.66
CA ASP E 385 -139.17 -71.30 -31.21
CA ASN E 386 -141.57 -71.93 -28.27
CA ASP E 387 -138.82 -73.00 -25.80
CA GLY E 388 -138.30 -71.72 -22.26
CA TRP E 389 -135.10 -69.78 -23.01
CA LEU E 390 -135.48 -65.93 -23.46
CA THR E 391 -132.57 -64.95 -25.70
CA THR E 392 -131.90 -62.30 -28.28
CA ASP E 393 -129.35 -64.15 -30.39
CA PRO E 394 -131.14 -66.17 -33.11
CA ARG E 395 -128.58 -69.03 -32.88
CA LYS E 396 -129.52 -69.47 -29.19
CA GLN E 397 -132.48 -71.85 -29.59
CA CYS E 398 -132.79 -75.30 -27.99
CA SER E 399 -134.11 -76.78 -31.24
CA LYS E 400 -131.14 -75.41 -33.27
CA GLU E 401 -128.52 -76.71 -30.81
CA ASP E 402 -129.78 -80.17 -29.65
CA GLY E 403 -130.94 -80.87 -33.18
CA GLY E 404 -134.50 -82.19 -33.10
CA GLY E 405 -138.11 -81.29 -32.59
CA TRP E 406 -139.20 -81.53 -28.95
CA TRP E 407 -140.84 -80.11 -25.81
CA TYR E 408 -137.66 -78.11 -24.98
CA ASN E 409 -137.26 -76.00 -21.84
CA ARG E 410 -133.82 -74.33 -21.59
CA CYS E 411 -133.09 -76.99 -22.94
CA HIS E 412 -133.54 -80.63 -21.80
CA ALA E 413 -132.91 -83.62 -19.54
CA ALA E 414 -134.25 -85.94 -22.26
CA ASN E 415 -133.68 -85.65 -26.08
CA PRO E 416 -135.28 -88.57 -27.96
CA ASN E 417 -135.46 -87.15 -31.53
CA GLY E 418 -131.76 -86.17 -31.04
CA ARG E 419 -128.80 -87.12 -33.29
CA TYR E 420 -127.77 -90.72 -33.67
CA TYR E 421 -124.11 -91.26 -32.68
CA TRP E 422 -122.85 -94.71 -33.61
CA GLY E 423 -121.29 -96.59 -30.66
CA GLY E 424 -122.76 -94.57 -27.73
CA THR E 425 -120.09 -92.17 -26.49
CA TYR E 426 -119.50 -88.75 -27.97
CA SER E 427 -118.02 -85.46 -26.74
CA TRP E 428 -118.43 -81.70 -27.04
CA ASP E 429 -115.90 -81.49 -29.86
CA MET E 430 -117.74 -84.09 -31.94
CA ALA E 431 -121.04 -82.15 -31.66
CA LYS E 432 -122.22 -79.63 -34.26
CA HIS E 433 -122.83 -76.81 -31.75
CA GLY E 434 -120.77 -78.06 -28.81
CA THR E 435 -123.84 -79.35 -26.96
CA ASP E 436 -125.33 -82.63 -25.82
CA ASP E 437 -127.37 -83.37 -28.91
CA GLY E 438 -127.55 -87.18 -29.29
CA ILE E 439 -130.40 -89.51 -28.28
CA VAL E 440 -130.07 -88.66 -24.57
CA TRP E 441 -131.74 -89.62 -21.25
CA MET E 442 -129.58 -87.75 -18.67
CA ASN E 443 -130.89 -89.53 -15.60
CA TRP E 444 -129.68 -92.88 -17.03
CA LYS E 445 -126.40 -92.27 -18.87
CA GLY E 446 -125.84 -88.55 -18.49
CA SER E 447 -125.40 -86.09 -21.33
CA TRP E 448 -122.63 -87.63 -23.43
CA TYR E 449 -124.09 -91.05 -24.24
CA SER E 450 -126.56 -91.62 -27.11
CA MET E 451 -128.87 -94.69 -27.00
CA LYS E 452 -128.94 -97.61 -29.42
CA LYS E 453 -132.72 -97.82 -29.18
CA MET E 454 -135.39 -95.39 -27.95
CA SER E 455 -139.19 -95.51 -28.40
CA MET E 456 -142.38 -93.90 -27.23
CA LYS E 457 -145.77 -95.65 -27.29
CA ILE E 458 -149.22 -95.19 -25.84
CA LYS E 459 -152.29 -97.20 -24.88
CA PRO E 460 -155.69 -96.30 -23.42
CA TYR E 461 -155.10 -97.07 -19.68
CA PHE E 462 -158.66 -98.02 -18.56
CA TYR F 1 -6.12 33.70 -1.25
CA ILE F 2 -8.45 33.67 -4.22
CA ALA F 3 -9.79 30.53 -5.95
CA THR F 4 -11.69 30.50 -9.27
CA ARG F 5 -13.54 27.76 -11.25
CA GLU F 6 -11.92 26.25 -14.36
CA ASN F 7 -13.82 25.23 -17.43
CA CYS F 8 -11.63 24.32 -20.32
CA CYS F 9 -12.15 22.25 -23.45
CA ILE F 10 -15.67 21.00 -24.39
CA LEU F 11 -14.03 17.63 -25.10
CA ASP F 12 -13.38 17.26 -21.37
CA GLU F 13 -16.82 18.41 -20.24
CA ARG F 14 -18.32 16.12 -22.88
CA PHE F 15 -18.06 12.74 -21.09
CA GLY F 16 -16.78 11.98 -17.59
CA SER F 17 -13.25 11.56 -16.16
CA TYR F 18 -12.41 12.51 -12.59
CA CYS F 19 -8.86 12.41 -11.66
CA PRO F 20 -9.40 12.77 -7.87
CA THR F 21 -11.98 11.81 -5.45
CA THR F 22 -14.58 14.64 -4.93
CA CYS F 23 -16.65 12.50 -2.25
CA GLY F 24 -19.86 12.88 -4.65
CA ILE F 25 -17.88 11.39 -7.63
CA ALA F 26 -17.15 8.34 -5.57
CA ASP F 27 -20.90 7.91 -5.01
CA PHE F 28 -21.13 7.83 -8.83
CA PHE F 29 -18.48 5.08 -8.85
CA ASN F 30 -20.35 2.88 -6.27
CA LYS F 31 -23.55 3.51 -8.32
CA TYR F 32 -21.83 2.01 -11.39
CA ARG F 33 -20.59 -0.97 -9.28
CA LEU F 34 -24.10 -1.58 -7.97
CA THR F 35 -25.40 -1.57 -11.50
CA THR F 36 -22.80 -4.04 -12.78
CA ASP F 37 -23.65 -6.43 -9.91
CA GLY F 38 -27.34 -6.25 -10.82
CA GLU F 39 -26.53 -7.56 -14.32
CA LEU F 40 -24.61 -10.38 -12.71
CA LEU F 41 -27.53 -11.19 -10.47
CA GLU F 42 -29.96 -11.89 -13.41
CA ILE F 43 -27.41 -13.89 -15.14
CA GLU F 44 -27.31 -15.99 -11.95
CA GLY F 45 -31.22 -16.66 -11.85
CA LEU F 46 -31.34 -17.64 -15.53
CA LEU F 47 -28.59 -19.97 -15.18
CA GLN F 48 -30.27 -21.65 -12.02
CA GLN F 49 -33.76 -22.00 -13.80
CA ALA F 50 -32.31 -23.67 -16.69
CA THR F 51 -30.90 -26.01 -14.22
CA ASN F 52 -34.27 -27.41 -12.47
CA SER F 53 -36.24 -27.35 -15.75
CA THR F 54 -33.96 -29.86 -17.10
CA GLY F 55 -34.48 -32.28 -14.04
CA SER F 56 -38.33 -32.19 -14.28
CA ILE F 57 -38.37 -32.72 -18.01
CA GLU F 58 -36.34 -35.80 -17.26
CA TYR F 59 -39.20 -38.21 -15.42
CA LEU F 60 -42.16 -37.64 -18.19
CA ILE F 61 -39.93 -39.08 -20.88
CA GLN F 62 -39.47 -42.21 -18.94
CA HIS F 63 -43.21 -42.61 -18.20
CA ILE F 64 -44.41 -41.93 -21.94
CA LYS F 65 -41.89 -44.29 -23.35
CA THR F 66 -43.05 -46.95 -20.84
CA ILE F 67 -46.88 -46.38 -21.61
CA TYR F 68 -46.43 -46.19 -25.44
CA PRO F 69 -44.64 -49.42 -25.33
CA SER F 70 -47.90 -50.85 -23.79
CA GLU F 71 -50.54 -49.35 -26.33
CA LYS F 72 -48.45 -50.12 -29.43
CA GLN F 73 -48.42 -53.54 -28.15
CA THR F 74 -52.29 -53.64 -28.35
CA LEU F 75 -52.17 -51.93 -31.60
CA PRO F 76 -51.24 -55.17 -33.43
CA GLN F 77 -53.84 -57.41 -31.55
CA SER F 78 -56.72 -55.14 -32.08
CA ILE F 79 -55.77 -54.82 -35.63
CA GLU F 80 -55.56 -58.75 -36.47
CA GLN F 81 -58.79 -59.59 -34.39
CA LEU F 82 -60.86 -57.31 -36.53
CA THR F 83 -59.45 -59.12 -39.64
CA GLN F 84 -60.76 -62.73 -38.79
CA LYS F 85 -64.08 -61.46 -37.42
CA SER F 86 -64.82 -60.02 -40.71
CA LYS F 87 -64.16 -63.42 -42.56
CA LYS F 88 -66.50 -65.45 -40.27
CA ILE F 89 -69.29 -62.93 -40.47
CA ILE F 90 -69.38 -63.28 -44.21
CA GLU F 91 -70.03 -67.15 -44.21
CA GLU F 92 -73.60 -67.44 -42.45
CA ILE F 93 -74.87 -64.73 -44.67
CA ILE F 94 -74.61 -67.13 -47.66
CA ARG F 95 -76.42 -70.09 -45.78
CA TYR F 96 -79.18 -67.86 -44.22
CA GLU F 97 -79.95 -66.57 -47.60
CA ASN F 98 -80.68 -70.26 -48.53
CA THR F 99 -82.99 -71.27 -45.47
CA ILE F 100 -84.99 -68.03 -45.52
CA LEU F 101 -85.61 -68.84 -49.03
CA ALA F 102 -87.07 -72.30 -48.09
CA HIS F 103 -89.33 -70.95 -45.20
CA GLU F 104 -90.87 -68.60 -47.37
CA ASN F 105 -91.88 -71.16 -49.54
CA THR F 106 -93.11 -73.47 -46.75
CA ILE F 107 -95.13 -70.61 -45.19
CA GLN F 108 -96.71 -69.76 -48.57
CA GLN F 109 -97.38 -73.14 -49.42
CA LEU F 110 -99.13 -73.75 -46.10
CA THR F 111 -101.05 -70.47 -46.62
CA ASP F 112 -102.16 -71.73 -50.05
CA MET F 113 -103.08 -75.28 -48.84
CA HIS F 114 -105.26 -73.84 -45.99
CA ILE F 115 -107.14 -71.76 -48.54
CA MET F 116 -107.60 -74.87 -50.72
CA ASN F 117 -108.68 -77.02 -47.73
CA SER F 118 -111.25 -74.51 -46.48
CA ASN F 119 -112.35 -73.68 -50.06
CA LYS F 120 -113.19 -77.39 -50.50
CA ILE F 121 -114.91 -77.66 -47.06
CA THR F 122 -117.11 -74.69 -48.03
CA GLN F 123 -117.90 -76.81 -51.19
CA LEU F 124 -117.84 -80.06 -49.22
CA LYS F 125 -120.41 -78.66 -46.78
CA GLN F 126 -122.51 -77.45 -49.72
CA LYS F 127 -122.43 -80.87 -51.40
CA ILE F 128 -123.51 -82.50 -48.11
CA ALA F 129 -126.33 -79.90 -47.81
CA GLN F 130 -127.77 -81.02 -51.20
CA LEU F 131 -127.64 -84.72 -50.18
CA GLU F 132 -129.47 -83.83 -47.02
CA SER F 133 -132.14 -81.88 -48.87
CA HIS F 134 -132.38 -85.43 -51.03
CA CYS F 135 -132.69 -87.87 -48.02
CA GLN F 136 -135.99 -86.60 -46.46
CA GLU F 137 -138.71 -88.77 -48.08
CA PRO F 138 -139.62 -92.21 -46.79
CA CYS F 139 -139.40 -95.47 -48.74
CA LYS F 140 -142.03 -95.74 -51.44
CA ASP F 141 -144.79 -98.24 -50.59
CA THR F 142 -146.14 -100.08 -53.63
CA ALA F 143 -149.55 -100.69 -52.04
CA GLU F 144 -152.42 -98.16 -52.44
CA ILE F 145 -156.16 -98.07 -51.59
CA GLN F 146 -158.81 -96.65 -54.01
CA GLU F 147 -160.80 -93.61 -52.90
CA THR F 148 -164.31 -94.62 -54.13
CA THR F 149 -166.61 -95.95 -51.39
CA GLY F 150 -170.02 -97.51 -50.94
CA ARG F 151 -172.07 -100.34 -49.48
CA ASP F 152 -170.45 -103.41 -51.18
CA CYS F 153 -168.24 -103.89 -54.26
CA GLN F 154 -171.26 -103.92 -56.58
CA ASP F 155 -172.25 -100.51 -55.19
CA ILE F 156 -168.66 -99.31 -55.90
CA ALA F 157 -168.62 -100.70 -59.41
CA ASN F 158 -171.98 -98.97 -60.13
CA LYS F 159 -170.40 -95.64 -59.14
CA GLY F 160 -167.57 -95.90 -61.65
CA ALA F 161 -164.76 -98.12 -60.31
CA ARG F 162 -163.09 -100.23 -63.06
CA LYS F 163 -160.02 -101.84 -61.44
CA SER F 164 -159.79 -104.80 -59.04
CA GLY F 165 -158.08 -103.82 -55.70
CA LEU F 166 -158.66 -102.39 -52.17
CA TYR F 167 -161.58 -100.18 -51.25
CA PHE F 168 -163.45 -99.16 -48.09
CA ILE F 169 -167.08 -100.28 -47.78
CA LYS F 170 -169.80 -99.60 -45.28
CA PRO F 171 -173.09 -101.51 -45.35
CA GLN F 172 -175.98 -99.55 -43.79
CA LYS F 173 -176.10 -101.42 -40.44
CA ALA F 174 -172.32 -101.37 -39.94
CA LYS F 175 -170.87 -99.02 -37.34
CA GLN F 176 -167.46 -98.35 -38.99
CA SER F 177 -166.31 -98.69 -42.59
CA PHE F 178 -163.83 -101.49 -43.32
CA LEU F 179 -161.30 -102.46 -46.01
CA VAL F 180 -162.07 -105.20 -48.55
CA TYR F 181 -160.67 -106.73 -51.76
CA CYS F 182 -162.99 -105.95 -54.75
CA GLU F 183 -162.92 -108.03 -57.99
CA ILE F 184 -164.38 -105.95 -60.83
CA ASP F 185 -164.89 -107.30 -64.38
CA THR F 186 -165.38 -105.65 -67.79
CA TYR F 187 -169.11 -106.30 -67.53
CA GLY F 188 -169.56 -104.06 -64.44
CA ASN F 189 -169.85 -106.85 -61.91
CA GLY F 190 -168.30 -106.01 -58.54
CA TRP F 191 -167.58 -109.09 -56.39
CA THR F 192 -166.53 -108.58 -52.72
CA VAL F 193 -164.06 -111.43 -51.91
CA LEU F 194 -164.20 -112.86 -48.32
CA GLN F 195 -161.81 -115.77 -48.46
CA ARG F 196 -158.64 -116.44 -50.34
CA ARG F 197 -156.11 -119.36 -50.22
CA LEU F 198 -153.15 -119.62 -52.61
CA ASP F 199 -149.82 -120.69 -51.08
CA GLY F 200 -150.25 -121.74 -47.38
CA SER F 201 -148.57 -118.63 -45.96
CA GLU F 202 -151.36 -117.95 -43.38
CA ASP F 203 -152.39 -120.31 -40.63
CA PHE F 204 -156.21 -120.90 -40.48
CA ARG F 205 -156.18 -122.59 -37.06
CA ARG F 206 -157.58 -119.52 -35.27
CA ASN F 207 -160.12 -118.86 -32.59
CA TRP F 208 -163.70 -117.57 -32.40
CA VAL F 209 -162.71 -113.87 -32.10
CA GLN F 210 -160.11 -114.10 -34.88
CA TYR F 211 -162.71 -115.78 -37.16
CA LYS F 212 -165.22 -113.07 -36.20
CA GLU F 213 -162.93 -110.09 -36.80
CA GLY F 214 -160.82 -111.36 -39.70
CA PHE F 215 -157.20 -112.31 -40.22
CA GLY F 216 -154.46 -112.53 -42.94
CA HIS F 217 -153.69 -109.57 -45.29
CA LEU F 218 -155.24 -107.70 -48.25
CA SER F 219 -153.15 -106.75 -51.31
CA PRO F 220 -154.05 -104.64 -54.38
CA ASP F 221 -153.01 -107.50 -56.66
CA ASP F 222 -155.10 -110.22 -54.97
CA THR F 223 -152.01 -112.35 -54.17
CA THR F 224 -152.47 -112.73 -50.34
CA GLU F 225 -154.39 -115.22 -48.12
CA PHE F 226 -157.14 -114.01 -45.73
CA TRP F 227 -160.49 -114.46 -43.95
CA LEU F 228 -162.58 -111.21 -44.06
CA GLY F 229 -164.42 -111.87 -40.79
CA ASN F 230 -167.83 -113.37 -39.96
CA GLU F 231 -169.23 -110.09 -38.62
CA LYS F 232 -168.45 -108.29 -41.89
CA ILE F 233 -169.70 -111.18 -44.12
CA HIS F 234 -172.94 -111.02 -42.13
CA LEU F 235 -173.38 -107.22 -42.54
CA ILE F 236 -172.81 -107.41 -46.31
CA THR F 237 -175.13 -110.38 -46.97
CA THR F 238 -178.07 -109.28 -44.75
CA GLN F 239 -178.40 -105.75 -46.11
CA SER F 240 -182.03 -104.62 -46.18
CA THR F 241 -183.25 -107.84 -47.80
CA LEU F 242 -181.42 -107.85 -51.13
CA PRO F 243 -180.61 -111.36 -52.39
CA TYR F 244 -176.94 -112.20 -52.45
CA ALA F 245 -175.20 -114.98 -54.39
CA LEU F 246 -172.00 -116.85 -53.41
CA ARG F 247 -169.37 -118.12 -55.83
CA ILE F 248 -166.74 -120.70 -54.81
CA GLU F 249 -163.77 -120.84 -57.25
CA LEU F 250 -161.28 -123.73 -57.00
CA GLU F 251 -157.93 -124.49 -58.67
CA ASP F 252 -156.09 -127.83 -58.63
CA TRP F 253 -152.31 -128.48 -58.87
CA SER F 254 -152.52 -128.98 -62.65
CA GLY F 255 -153.91 -125.67 -63.95
CA LYS F 256 -157.55 -126.72 -63.81
CA LYS F 257 -160.27 -124.53 -62.32
CA GLY F 258 -163.94 -125.13 -61.38
CA THR F 259 -166.77 -123.18 -59.70
CA ALA F 260 -169.94 -123.75 -57.70
CA ASP F 261 -172.72 -121.13 -57.21
CA TYR F 262 -175.27 -120.75 -54.41
CA ALA F 263 -178.40 -118.58 -54.48
CA VAL F 264 -179.65 -116.37 -51.65
CA PHE F 265 -176.53 -116.78 -49.64
CA LYS F 266 -176.71 -115.40 -46.12
CA VAL F 267 -174.70 -115.49 -42.95
CA GLY F 268 -176.59 -115.03 -39.69
CA THR F 269 -175.74 -112.83 -36.70
CA GLU F 270 -173.37 -113.74 -33.82
CA GLU F 271 -176.33 -114.54 -31.50
CA ASP F 272 -177.33 -117.43 -33.78
CA LYS F 273 -173.56 -118.14 -34.17
CA TYR F 274 -172.95 -117.35 -37.83
CA ARG F 275 -175.29 -119.76 -39.37
CA LEU F 276 -174.87 -120.31 -43.12
CA THR F 277 -178.10 -120.27 -45.10
CA TYR F 278 -178.79 -120.60 -48.89
CA ALA F 279 -181.92 -121.34 -51.00
CA TYR F 280 -180.55 -123.55 -53.81
CA PHE F 281 -177.37 -124.69 -55.55
CA ILE F 282 -177.29 -122.70 -58.80
CA GLY F 283 -174.84 -124.68 -60.96
CA GLY F 284 -171.14 -125.23 -61.61
CA GLU F 285 -168.60 -127.85 -62.68
CA ARG F 286 -167.22 -128.25 -59.18
CA GLY F 287 -170.40 -130.00 -57.94
CA ASP F 288 -172.63 -129.20 -54.93
CA ALA F 289 -170.56 -130.23 -51.91
CA PHE F 290 -172.73 -128.16 -49.52
CA ASP F 291 -175.47 -130.73 -50.16
CA GLY F 292 -173.40 -133.43 -48.47
CA PHE F 293 -171.62 -136.40 -49.99
CA ASN F 294 -171.91 -140.12 -49.72
CA PHE F 295 -168.28 -140.96 -49.02
CA GLY F 296 -169.15 -144.69 -48.73
CA ASP F 297 -167.95 -145.15 -45.09
CA ASP F 298 -171.48 -145.48 -43.67
CA PRO F 299 -175.00 -144.87 -45.07
CA SER F 300 -175.29 -141.84 -42.73
CA ASP F 301 -172.44 -139.94 -44.49
CA LYS F 302 -174.52 -137.71 -46.76
CA SER F 303 -176.76 -136.33 -44.01
CA TYR F 304 -173.82 -135.80 -41.68
CA THR F 305 -171.79 -133.84 -44.26
CA TYR F 306 -174.22 -131.23 -45.64
CA HIS F 307 -173.63 -127.51 -44.77
CA ASN F 308 -176.91 -125.65 -45.42
CA GLY F 309 -178.17 -124.31 -42.01
CA MET F 310 -174.97 -125.19 -40.16
CA ARG F 311 -173.67 -122.87 -37.40
CA PHE F 312 -170.04 -121.62 -37.44
CA SER F 313 -167.54 -123.53 -35.26
CA THR F 314 -163.99 -123.01 -33.90
CA PHE F 315 -161.95 -125.13 -31.44
CA ASP F 316 -163.06 -122.83 -28.55
CA ASN F 317 -166.68 -122.39 -29.72
CA ASP F 318 -168.15 -125.71 -30.75
CA ASN F 319 -171.57 -125.63 -32.39
CA ASP F 320 -171.34 -128.75 -34.55
CA ASN F 321 -173.65 -131.79 -34.83
CA PHE F 322 -170.90 -134.07 -33.51
CA GLU F 323 -170.30 -135.39 -30.01
CA GLY F 324 -166.60 -134.59 -30.39
CA ASN F 325 -165.11 -131.30 -31.66
CA CYS F 326 -164.88 -131.07 -35.47
CA ALA F 327 -163.02 -127.75 -35.55
CA GLU F 328 -160.41 -128.84 -33.03
CA GLN F 329 -159.74 -132.14 -34.84
CA ASP F 330 -159.48 -130.69 -38.35
CA GLY F 331 -157.58 -127.51 -37.27
CA SER F 332 -159.91 -124.80 -38.70
CA GLY F 333 -163.01 -122.58 -38.31
CA TRP F 334 -165.93 -123.68 -40.50
CA TRP F 335 -169.65 -124.35 -40.81
CA MET F 336 -169.20 -127.93 -39.46
CA ASN F 337 -171.90 -130.70 -39.27
CA ARG F 338 -170.38 -134.12 -38.74
CA CYS F 339 -168.04 -132.89 -40.00
CA HIS F 340 -167.77 -131.81 -43.66
CA ALA F 341 -167.93 -132.43 -47.44
CA GLY F 342 -166.61 -128.95 -48.39
CA HIS F 343 -163.73 -127.44 -46.24
CA LEU F 344 -161.94 -124.39 -47.67
CA ASN F 345 -160.31 -123.13 -44.40
CA GLY F 346 -158.47 -126.47 -43.90
CA PRO F 347 -154.75 -127.29 -43.83
CA TYR F 348 -152.70 -126.33 -46.85
CA TYR F 349 -150.70 -129.23 -48.48
CA ILE F 350 -148.12 -128.69 -51.24
CA GLY F 351 -148.97 -130.71 -54.38
CA GLY F 352 -152.58 -131.54 -53.27
CA VAL F 353 -152.27 -135.27 -52.44
CA TYR F 354 -151.81 -136.12 -48.74
CA SER F 355 -152.79 -139.16 -46.60
CA ARG F 356 -154.03 -140.11 -43.15
CA ASP F 357 -150.50 -140.38 -41.67
CA THR F 358 -149.74 -136.73 -42.51
CA GLY F 359 -152.77 -135.90 -40.35
CA THR F 360 -152.55 -135.52 -36.59
CA ASN F 361 -155.82 -137.31 -35.89
CA SER F 362 -156.35 -139.62 -38.87
CA TYR F 363 -159.12 -137.52 -40.37
CA ASP F 364 -159.06 -135.66 -43.73
CA ASN F 365 -158.40 -131.98 -42.70
CA GLY F 366 -157.14 -130.36 -45.96
CA ILE F 367 -158.77 -127.93 -48.40
CA ILE F 368 -161.43 -130.25 -49.80
CA TRP F 369 -164.45 -130.20 -52.11
CA ALA F 370 -165.69 -133.80 -52.25
CA THR F 371 -167.95 -133.46 -55.30
CA TRP F 372 -164.83 -132.47 -57.33
CA ARG F 373 -161.90 -134.44 -55.81
CA ASP F 374 -161.31 -137.22 -53.24
CA ARG F 375 -161.15 -136.20 -49.53
CA TRP F 376 -157.37 -136.76 -49.73
CA TYR F 377 -156.78 -134.10 -52.41
CA SER F 378 -156.19 -130.51 -51.19
CA MET F 379 -156.66 -127.55 -53.48
CA LYS F 380 -153.91 -125.24 -54.67
CA LYS F 381 -156.10 -122.07 -54.78
CA THR F 382 -159.55 -121.16 -53.45
CA THR F 383 -161.73 -118.03 -53.52
CA MET F 384 -165.10 -117.39 -51.85
CA LYS F 385 -166.89 -114.30 -53.09
CA ILE F 386 -170.30 -112.61 -53.12
CA ILE F 387 -172.57 -110.44 -55.28
CA PRO F 388 -176.17 -109.24 -55.40
CA PHE F 389 -178.04 -112.04 -57.15
CA ASN F 390 -179.68 -109.77 -59.73
CA ARG F 391 -176.18 -109.70 -61.24
CA LEU F 392 -174.17 -112.32 -62.90
CA SER F 393 -173.32 -115.46 -64.35
CA ILE F 394 -174.16 -119.03 -65.38
CA ASP F 395 -177.51 -117.21 -65.47
CA GLY F 396 -180.89 -117.54 -67.18
CA GLN F 397 -182.47 -114.33 -68.57
#